data_4JB6
#
_entry.id   4JB6
#
_cell.length_a   101.073
_cell.length_b   104.619
_cell.length_c   141.601
_cell.angle_alpha   90.00
_cell.angle_beta   90.00
_cell.angle_gamma   90.00
#
_symmetry.space_group_name_H-M   'C 2 2 21'
#
loop_
_entity.id
_entity.type
_entity.pdbx_description
1 polymer '3-oxoacyl-[acyl-carrier-protein] synthase 2'
2 non-polymer 'POTASSIUM ION'
3 water water
#
_entity_poly.entity_id   1
_entity_poly.type   'polypeptide(L)'
_entity_poly.pdbx_seq_one_letter_code
;MSRRRVVITGMGMLSPLGLDVPSSWEGILAGRSGIAPIEHMDLSAYSTRFGGSVKGFNVEEYLSAKEARKLDLFIQYGLA
ASFQAVRDSGLEVTDANRERIGVSMGSGIGGLTNIENNCRSLFEQGPRRISPFFVPGSIINMVSGFLSIHLGLQGPNYAL
TTAQTTGTHSIGMAARNIAYGEADVMVAGGSEMAACGLGLGGFGAARALSTRNDEPTRASRPWDRDRDGFVLSDGSGALV
LEELEHARARGARIYAELVGFGMSGDAFHMTAPPEDGAGAARCMKNALRDAGLDPRQVDYINAHGTSTPAGDIAEIAAVK
SVFGEHAHALSMSSTKSMTGHLLGAAGAVEAIFSVLALRDQVAPPTINLDNPDEGCDLDLVAHEAKPRKIDVALSNSFGF
GGTNGTLVFRRFAD
;
_entity_poly.pdbx_strand_id   A,B
#
loop_
_chem_comp.id
_chem_comp.type
_chem_comp.name
_chem_comp.formula
K non-polymer 'POTASSIUM ION' 'K 1'
#
# COMPACT_ATOMS: atom_id res chain seq x y z
N SER A 2 -8.20 42.60 -1.07
CA SER A 2 -9.24 42.31 -0.03
C SER A 2 -9.15 40.86 0.47
N ARG A 3 -8.89 39.92 -0.44
CA ARG A 3 -8.86 38.50 -0.06
C ARG A 3 -7.65 37.78 -0.60
N ARG A 4 -7.05 36.97 0.25
CA ARG A 4 -6.01 36.08 -0.18
C ARG A 4 -6.68 34.89 -0.87
N ARG A 5 -5.89 34.25 -1.71
CA ARG A 5 -6.37 33.26 -2.64
C ARG A 5 -6.02 31.91 -2.08
N VAL A 6 -6.87 30.93 -2.35
CA VAL A 6 -6.84 29.65 -1.63
C VAL A 6 -6.81 28.54 -2.62
N VAL A 7 -5.88 27.62 -2.42
CA VAL A 7 -5.71 26.55 -3.36
C VAL A 7 -5.69 25.21 -2.63
N ILE A 8 -5.86 24.15 -3.40
CA ILE A 8 -5.88 22.80 -2.88
C ILE A 8 -4.56 22.13 -3.14
N THR A 9 -3.86 21.82 -2.07
CA THR A 9 -2.55 21.23 -2.21
C THR A 9 -2.52 19.76 -1.76
N GLY A 10 -3.62 19.24 -1.22
CA GLY A 10 -3.62 17.87 -0.65
C GLY A 10 -5.01 17.31 -0.47
N MET A 11 -5.19 15.99 -0.68
CA MET A 11 -6.51 15.39 -0.56
C MET A 11 -6.46 13.99 0.06
N GLY A 12 -7.51 13.63 0.77
CA GLY A 12 -7.56 12.33 1.39
C GLY A 12 -8.95 11.77 1.29
N MET A 13 -9.08 10.46 1.38
CA MET A 13 -10.40 9.84 1.22
C MET A 13 -10.44 8.40 1.65
N LEU A 14 -11.57 8.06 2.27
CA LEU A 14 -12.12 6.76 2.29
C LEU A 14 -13.53 6.87 1.69
N SER A 15 -13.88 5.98 0.76
CA SER A 15 -15.20 5.87 0.19
C SER A 15 -15.58 4.39 -0.01
N PRO A 16 -16.86 4.11 -0.36
CA PRO A 16 -17.23 2.76 -0.75
C PRO A 16 -16.55 2.27 -2.02
N LEU A 17 -15.79 3.11 -2.73
CA LEU A 17 -15.01 2.66 -3.89
C LEU A 17 -13.52 2.48 -3.63
N GLY A 18 -13.02 2.96 -2.50
CA GLY A 18 -11.61 2.83 -2.24
C GLY A 18 -11.16 3.35 -0.90
N LEU A 19 -9.99 2.88 -0.49
CA LEU A 19 -9.36 3.28 0.74
C LEU A 19 -8.40 4.45 0.56
N ASP A 20 -8.39 5.04 -0.61
CA ASP A 20 -7.71 6.32 -0.79
C ASP A 20 -8.36 7.05 -1.93
N VAL A 21 -7.80 8.19 -2.27
CA VAL A 21 -8.30 8.99 -3.34
C VAL A 21 -8.08 8.31 -4.68
N PRO A 22 -6.83 8.03 -5.05
CA PRO A 22 -6.67 7.50 -6.41
C PRO A 22 -7.42 6.18 -6.72
N SER A 23 -7.55 5.26 -5.74
CA SER A 23 -8.40 4.05 -5.93
C SER A 23 -9.87 4.39 -6.07
N SER A 24 -10.37 5.30 -5.23
CA SER A 24 -11.77 5.77 -5.34
C SER A 24 -12.03 6.42 -6.70
N TRP A 25 -11.13 7.28 -7.15
CA TRP A 25 -11.32 8.01 -8.41
C TRP A 25 -11.27 7.12 -9.67
N GLU A 26 -10.39 6.13 -9.65
CA GLU A 26 -10.38 5.12 -10.71
C GLU A 26 -11.75 4.41 -10.81
N GLY A 27 -12.35 4.10 -9.66
CA GLY A 27 -13.69 3.54 -9.59
C GLY A 27 -14.70 4.45 -10.25
N ILE A 28 -14.70 5.73 -9.84
CA ILE A 28 -15.62 6.74 -10.38
C ILE A 28 -15.57 6.79 -11.93
N LEU A 29 -14.36 6.93 -12.47
CA LEU A 29 -14.17 7.02 -13.92
C LEU A 29 -14.64 5.82 -14.66
N ALA A 30 -14.62 4.66 -14.01
CA ALA A 30 -15.03 3.39 -14.62
C ALA A 30 -16.49 3.05 -14.45
N GLY A 31 -17.25 3.89 -13.75
CA GLY A 31 -18.69 3.62 -13.60
C GLY A 31 -18.99 2.55 -12.59
N ARG A 32 -18.00 2.29 -11.75
CA ARG A 32 -18.08 1.23 -10.74
CA ARG A 32 -18.10 1.23 -10.75
C ARG A 32 -18.98 1.64 -9.59
N SER A 33 -19.88 0.74 -9.18
CA SER A 33 -20.68 0.98 -8.00
C SER A 33 -19.95 0.40 -6.78
N GLY A 34 -20.04 1.10 -5.65
CA GLY A 34 -19.50 0.62 -4.40
C GLY A 34 -20.61 0.17 -3.47
N ILE A 35 -21.80 -0.04 -4.00
CA ILE A 35 -22.94 -0.39 -3.15
C ILE A 35 -23.08 -1.92 -3.09
N ALA A 36 -23.42 -2.43 -1.93
CA ALA A 36 -23.54 -3.88 -1.73
C ALA A 36 -24.31 -4.18 -0.47
N PRO A 37 -24.91 -5.37 -0.39
CA PRO A 37 -25.57 -5.74 0.84
C PRO A 37 -24.59 -5.63 2.00
N ILE A 38 -25.03 -5.15 3.13
CA ILE A 38 -24.17 -4.86 4.27
C ILE A 38 -23.81 -6.12 5.06
N GLU A 39 -22.51 -6.38 5.20
CA GLU A 39 -21.97 -7.58 5.84
C GLU A 39 -21.82 -7.42 7.36
N HIS A 40 -21.39 -6.23 7.79
CA HIS A 40 -20.99 -6.06 9.20
C HIS A 40 -22.08 -6.29 10.24
N MET A 41 -23.36 -6.25 9.86
CA MET A 41 -24.48 -6.53 10.81
C MET A 41 -25.70 -7.24 10.21
N ASP A 42 -26.60 -7.69 11.09
CA ASP A 42 -27.75 -8.47 10.65
C ASP A 42 -28.86 -7.52 10.31
N LEU A 43 -29.17 -7.40 9.01
CA LEU A 43 -30.18 -6.43 8.55
C LEU A 43 -31.52 -7.02 8.15
N SER A 44 -31.70 -8.30 8.41
CA SER A 44 -32.91 -9.05 8.03
C SER A 44 -34.22 -8.37 8.41
N ALA A 45 -34.29 -7.79 9.60
CA ALA A 45 -35.52 -7.10 10.03
C ALA A 45 -35.71 -5.69 9.41
N TYR A 46 -34.76 -5.25 8.61
CA TYR A 46 -34.78 -3.87 8.09
C TYR A 46 -35.33 -3.80 6.67
N SER A 47 -36.01 -2.71 6.34
CA SER A 47 -36.59 -2.58 4.98
C SER A 47 -35.57 -2.24 3.89
N THR A 48 -34.35 -1.86 4.30
CA THR A 48 -33.23 -1.66 3.38
C THR A 48 -32.00 -2.35 3.96
N ARG A 49 -31.19 -2.97 3.10
CA ARG A 49 -30.18 -3.93 3.54
C ARG A 49 -28.83 -3.83 2.85
N PHE A 50 -28.61 -2.71 2.18
CA PHE A 50 -27.39 -2.47 1.44
C PHE A 50 -26.96 -1.03 1.66
N GLY A 51 -25.75 -0.70 1.25
CA GLY A 51 -25.16 0.56 1.55
C GLY A 51 -23.81 0.63 0.89
N GLY A 52 -23.20 1.79 0.99
CA GLY A 52 -21.83 1.97 0.54
C GLY A 52 -21.02 1.87 1.80
N SER A 53 -20.40 0.71 2.03
CA SER A 53 -19.47 0.51 3.14
C SER A 53 -18.03 0.72 2.71
N VAL A 54 -17.22 1.14 3.68
CA VAL A 54 -15.79 1.19 3.48
C VAL A 54 -15.30 -0.25 3.65
N LYS A 55 -14.50 -0.74 2.70
CA LYS A 55 -14.14 -2.15 2.70
C LYS A 55 -12.65 -2.37 2.93
N GLY A 56 -12.31 -3.17 3.92
CA GLY A 56 -10.91 -3.48 4.16
C GLY A 56 -10.14 -2.42 4.93
N PHE A 57 -10.85 -1.49 5.57
CA PHE A 57 -10.22 -0.40 6.30
C PHE A 57 -9.37 -0.99 7.40
N ASN A 58 -8.12 -0.51 7.47
CA ASN A 58 -7.18 -0.88 8.55
C ASN A 58 -6.70 0.38 9.22
N VAL A 59 -7.36 0.70 10.32
CA VAL A 59 -7.03 1.89 11.10
C VAL A 59 -5.58 1.93 11.59
N GLU A 60 -4.96 0.76 11.76
CA GLU A 60 -3.60 0.73 12.26
C GLU A 60 -2.60 1.18 11.19
N GLU A 61 -3.06 1.51 10.00
CA GLU A 61 -2.20 2.29 9.09
C GLU A 61 -1.98 3.72 9.58
N TYR A 62 -2.88 4.20 10.44
CA TYR A 62 -2.86 5.59 10.86
C TYR A 62 -2.63 5.78 12.34
N LEU A 63 -3.10 4.83 13.15
CA LEU A 63 -3.07 4.96 14.60
C LEU A 63 -2.80 3.59 15.20
N SER A 64 -2.16 3.56 16.37
CA SER A 64 -1.96 2.31 17.11
C SER A 64 -3.30 1.74 17.49
N ALA A 65 -3.35 0.44 17.70
CA ALA A 65 -4.56 -0.18 18.13
C ALA A 65 -5.11 0.44 19.40
N LYS A 66 -4.18 0.87 20.27
CA LYS A 66 -4.52 1.42 21.56
C LYS A 66 -5.20 2.79 21.40
N GLU A 67 -4.62 3.66 20.58
CA GLU A 67 -5.30 4.89 20.18
C GLU A 67 -6.68 4.52 19.59
N ALA A 68 -6.65 3.77 18.48
CA ALA A 68 -7.87 3.56 17.68
C ALA A 68 -9.08 3.15 18.48
N ARG A 69 -8.88 2.39 19.54
CA ARG A 69 -9.98 1.68 20.22
C ARG A 69 -10.99 2.58 20.94
N LYS A 70 -10.56 3.75 21.37
CA LYS A 70 -11.49 4.69 22.00
C LYS A 70 -12.47 5.33 21.00
N LEU A 71 -12.11 5.34 19.72
CA LEU A 71 -12.71 6.21 18.72
C LEU A 71 -13.77 5.50 17.88
N ASP A 72 -14.96 6.10 17.82
CA ASP A 72 -15.98 5.72 16.85
C ASP A 72 -15.42 5.72 15.46
N LEU A 73 -15.97 4.83 14.64
CA LEU A 73 -15.57 4.71 13.26
C LEU A 73 -15.65 6.02 12.51
N PHE A 74 -16.58 6.92 12.82
CA PHE A 74 -16.63 8.19 12.04
C PHE A 74 -15.37 8.98 12.32
N ILE A 75 -14.84 8.86 13.54
CA ILE A 75 -13.58 9.55 13.88
C ILE A 75 -12.38 8.91 13.17
N GLN A 76 -12.32 7.59 13.18
CA GLN A 76 -11.20 6.89 12.54
C GLN A 76 -11.20 7.29 11.09
N TYR A 77 -12.38 7.27 10.48
CA TYR A 77 -12.50 7.60 9.07
C TYR A 77 -12.03 9.02 8.79
N GLY A 78 -12.40 9.97 9.65
CA GLY A 78 -11.96 11.36 9.49
C GLY A 78 -10.46 11.56 9.67
N LEU A 79 -9.88 10.93 10.68
CA LEU A 79 -8.42 11.08 10.85
C LEU A 79 -7.69 10.50 9.62
N ALA A 80 -8.16 9.35 9.12
CA ALA A 80 -7.46 8.70 8.00
C ALA A 80 -7.44 9.57 6.78
N ALA A 81 -8.59 10.12 6.42
CA ALA A 81 -8.65 11.03 5.27
C ALA A 81 -7.75 12.25 5.53
N SER A 82 -7.78 12.74 6.76
CA SER A 82 -7.01 13.90 7.16
C SER A 82 -5.51 13.61 7.02
N PHE A 83 -5.10 12.47 7.54
CA PHE A 83 -3.70 12.07 7.49
C PHE A 83 -3.27 11.92 6.06
N GLN A 84 -4.12 11.26 5.24
CA GLN A 84 -3.76 11.06 3.83
C GLN A 84 -3.44 12.39 3.24
N ALA A 85 -4.34 13.36 3.45
CA ALA A 85 -4.30 14.66 2.78
C ALA A 85 -3.13 15.50 3.25
N VAL A 86 -2.79 15.38 4.55
CA VAL A 86 -1.66 16.17 5.10
C VAL A 86 -0.40 15.63 4.45
N ARG A 87 -0.33 14.30 4.40
CA ARG A 87 0.74 13.61 3.67
C ARG A 87 0.78 14.02 2.21
N ASP A 88 -0.35 13.87 1.54
CA ASP A 88 -0.42 14.23 0.15
C ASP A 88 0.13 15.63 -0.09
N SER A 89 -0.06 16.55 0.86
CA SER A 89 0.34 17.93 0.66
C SER A 89 1.82 18.21 0.75
N GLY A 90 2.61 17.31 1.36
CA GLY A 90 4.05 17.57 1.60
C GLY A 90 4.35 18.69 2.62
N LEU A 91 3.35 19.08 3.41
CA LEU A 91 3.55 20.18 4.35
C LEU A 91 4.30 19.71 5.54
N GLU A 92 5.30 20.48 5.96
CA GLU A 92 6.04 20.12 7.16
C GLU A 92 5.62 21.05 8.29
N VAL A 93 5.02 20.47 9.32
CA VAL A 93 4.48 21.27 10.43
C VAL A 93 5.63 21.54 11.37
N THR A 94 5.92 22.83 11.59
CA THR A 94 6.97 23.31 12.51
C THR A 94 6.44 24.31 13.57
N ASP A 95 7.21 24.50 14.64
CA ASP A 95 6.99 25.59 15.62
C ASP A 95 6.75 26.95 14.93
N ALA A 96 7.43 27.18 13.82
CA ALA A 96 7.28 28.42 13.06
C ALA A 96 5.93 28.59 12.36
N ASN A 97 5.22 27.49 12.06
CA ASN A 97 3.88 27.55 11.35
C ASN A 97 2.69 26.91 12.07
N ARG A 98 2.90 26.10 13.07
CA ARG A 98 1.77 25.35 13.61
C ARG A 98 0.60 26.18 14.12
N GLU A 99 0.82 27.48 14.37
CA GLU A 99 -0.26 28.34 14.90
C GLU A 99 -1.08 28.87 13.75
N ARG A 100 -0.53 28.72 12.54
CA ARG A 100 -1.18 29.10 11.31
C ARG A 100 -1.84 27.89 10.60
N ILE A 101 -1.73 26.69 11.19
CA ILE A 101 -2.42 25.53 10.66
C ILE A 101 -3.54 24.99 11.55
N GLY A 102 -4.75 25.01 10.99
CA GLY A 102 -5.92 24.45 11.65
C GLY A 102 -6.69 23.33 10.97
N VAL A 103 -7.88 23.08 11.49
CA VAL A 103 -8.70 21.93 11.18
C VAL A 103 -10.17 22.29 11.33
N SER A 104 -10.95 21.90 10.32
CA SER A 104 -12.43 21.96 10.30
C SER A 104 -12.94 20.68 9.65
N MET A 105 -13.05 19.62 10.43
CA MET A 105 -13.55 18.36 9.93
C MET A 105 -14.81 18.06 10.68
N GLY A 106 -15.93 17.90 9.95
CA GLY A 106 -17.24 17.58 10.59
C GLY A 106 -18.01 16.31 10.21
N SER A 107 -19.27 16.28 10.62
CA SER A 107 -20.12 15.11 10.49
C SER A 107 -21.57 15.51 10.69
N GLY A 108 -22.47 14.75 10.08
CA GLY A 108 -23.89 15.07 10.16
C GLY A 108 -24.50 14.54 11.41
N ILE A 109 -24.13 13.30 11.72
CA ILE A 109 -24.62 12.58 12.91
C ILE A 109 -23.57 12.03 13.88
N GLY A 110 -22.32 11.88 13.47
CA GLY A 110 -21.28 11.47 14.41
C GLY A 110 -21.39 10.04 14.91
N GLY A 111 -21.08 9.85 16.18
CA GLY A 111 -20.78 8.53 16.71
C GLY A 111 -22.00 7.72 17.08
N LEU A 112 -22.82 7.42 16.09
CA LEU A 112 -24.08 6.75 16.35
C LEU A 112 -23.83 5.31 16.74
N THR A 113 -22.80 4.70 16.14
CA THR A 113 -22.43 3.35 16.50
C THR A 113 -22.05 3.32 17.99
N ASN A 114 -21.06 4.11 18.39
CA ASN A 114 -20.66 4.15 19.78
C ASN A 114 -21.79 4.41 20.73
N ILE A 115 -22.63 5.38 20.39
CA ILE A 115 -23.80 5.68 21.23
C ILE A 115 -24.72 4.51 21.34
N GLU A 116 -24.87 3.78 20.24
CA GLU A 116 -25.71 2.57 20.24
C GLU A 116 -25.20 1.59 21.26
N ASN A 117 -23.88 1.37 21.22
CA ASN A 117 -23.25 0.35 22.03
C ASN A 117 -23.25 0.73 23.48
N ASN A 118 -22.86 1.93 23.78
CA ASN A 118 -22.98 2.39 25.14
C ASN A 118 -24.46 2.42 25.60
N CYS A 119 -25.39 2.56 24.67
CA CYS A 119 -26.81 2.48 25.05
C CYS A 119 -27.15 1.09 25.55
N ARG A 120 -26.60 0.08 24.88
CA ARG A 120 -26.88 -1.31 25.24
C ARG A 120 -26.33 -1.61 26.61
N SER A 121 -25.08 -1.25 26.86
CA SER A 121 -24.48 -1.39 28.17
C SER A 121 -25.33 -0.74 29.25
N LEU A 122 -25.71 0.51 29.02
CA LEU A 122 -26.45 1.26 30.02
C LEU A 122 -27.78 0.57 30.37
N PHE A 123 -28.44 0.04 29.35
CA PHE A 123 -29.72 -0.59 29.56
C PHE A 123 -29.62 -1.93 30.31
N GLU A 124 -28.62 -2.73 29.93
CA GLU A 124 -28.46 -4.06 30.48
C GLU A 124 -27.71 -4.08 31.80
N GLN A 125 -26.68 -3.25 31.90
CA GLN A 125 -25.75 -3.30 33.02
C GLN A 125 -25.62 -2.02 33.81
N GLY A 126 -26.31 -0.95 33.39
CA GLY A 126 -26.33 0.29 34.16
C GLY A 126 -25.16 1.23 33.88
N PRO A 127 -25.20 2.45 34.47
CA PRO A 127 -24.24 3.55 34.28
C PRO A 127 -22.76 3.17 34.36
N ARG A 128 -22.38 2.42 35.37
CA ARG A 128 -20.95 2.21 35.63
C ARG A 128 -20.24 1.41 34.50
N ARG A 129 -21.02 0.80 33.62
CA ARG A 129 -20.41 0.02 32.53
C ARG A 129 -20.08 0.87 31.28
N ILE A 130 -20.63 2.08 31.18
CA ILE A 130 -20.30 3.00 30.09
C ILE A 130 -18.78 3.23 30.08
N SER A 131 -18.20 3.29 28.89
CA SER A 131 -16.77 3.52 28.81
C SER A 131 -16.45 4.94 29.29
N PRO A 132 -15.27 5.12 29.91
CA PRO A 132 -14.78 6.45 30.26
C PRO A 132 -14.37 7.26 29.06
N PHE A 133 -14.16 6.61 27.93
CA PHE A 133 -13.84 7.31 26.67
C PHE A 133 -15.06 7.54 25.76
N PHE A 134 -16.25 7.17 26.21
CA PHE A 134 -17.45 7.36 25.43
C PHE A 134 -17.55 8.78 24.87
N VAL A 135 -17.49 9.78 25.73
CA VAL A 135 -17.75 11.14 25.29
C VAL A 135 -16.66 11.61 24.36
N PRO A 136 -15.39 11.47 24.77
CA PRO A 136 -14.38 12.03 23.85
C PRO A 136 -14.33 11.27 22.53
N GLY A 137 -14.65 9.99 22.57
CA GLY A 137 -14.55 9.18 21.38
C GLY A 137 -15.77 9.15 20.47
N SER A 138 -16.74 10.01 20.73
CA SER A 138 -18.01 9.94 19.99
C SER A 138 -18.68 11.26 19.63
N ILE A 139 -18.16 12.39 20.11
CA ILE A 139 -18.75 13.67 19.79
C ILE A 139 -18.06 14.22 18.57
N ILE A 140 -18.73 15.09 17.84
CA ILE A 140 -18.29 15.36 16.48
C ILE A 140 -16.96 16.14 16.32
N ASN A 141 -16.64 17.00 17.27
CA ASN A 141 -15.53 17.89 17.11
C ASN A 141 -14.22 17.17 17.34
N MET A 142 -14.25 15.86 17.58
CA MET A 142 -13.00 15.20 17.98
C MET A 142 -12.18 14.69 16.80
N VAL A 143 -12.73 14.75 15.58
CA VAL A 143 -11.89 14.49 14.42
C VAL A 143 -10.87 15.62 14.40
N SER A 144 -11.40 16.82 14.39
CA SER A 144 -10.60 18.04 14.56
C SER A 144 -9.73 17.99 15.81
N GLY A 145 -10.32 17.56 16.92
CA GLY A 145 -9.61 17.48 18.20
C GLY A 145 -8.37 16.62 18.14
N PHE A 146 -8.54 15.33 17.88
CA PHE A 146 -7.45 14.38 17.76
C PHE A 146 -6.48 14.67 16.64
N LEU A 147 -6.93 15.16 15.48
CA LEU A 147 -5.98 15.49 14.43
C LEU A 147 -5.01 16.61 14.85
N SER A 148 -5.50 17.59 15.62
CA SER A 148 -4.65 18.71 16.01
C SER A 148 -3.61 18.27 17.02
N ILE A 149 -3.99 17.33 17.86
CA ILE A 149 -3.10 16.71 18.81
C ILE A 149 -2.09 15.81 18.07
N HIS A 150 -2.56 14.86 17.28
CA HIS A 150 -1.60 14.02 16.55
C HIS A 150 -0.65 14.82 15.67
N LEU A 151 -1.07 15.94 15.10
CA LEU A 151 -0.19 16.74 14.23
C LEU A 151 0.34 18.05 14.86
N GLY A 152 0.04 18.31 16.14
CA GLY A 152 0.48 19.54 16.78
C GLY A 152 -0.02 20.77 16.05
N LEU A 153 -1.31 20.81 15.68
CA LEU A 153 -1.80 21.95 14.90
C LEU A 153 -2.58 22.87 15.82
N GLN A 154 -2.24 24.15 15.76
CA GLN A 154 -2.63 25.10 16.78
C GLN A 154 -3.52 26.21 16.24
N GLY A 155 -3.85 26.12 14.95
CA GLY A 155 -4.63 27.15 14.28
C GLY A 155 -6.10 26.91 14.62
N PRO A 156 -7.02 27.59 13.91
CA PRO A 156 -8.44 27.46 14.22
C PRO A 156 -8.93 26.01 14.20
N ASN A 157 -9.65 25.63 15.24
CA ASN A 157 -10.02 24.28 15.45
C ASN A 157 -11.51 24.20 15.71
N TYR A 158 -12.27 23.71 14.75
CA TYR A 158 -13.72 23.62 14.96
C TYR A 158 -14.33 22.51 14.14
N ALA A 159 -15.64 22.37 14.22
CA ALA A 159 -16.36 21.40 13.39
C ALA A 159 -17.76 21.86 13.05
N LEU A 160 -18.19 21.62 11.82
CA LEU A 160 -19.57 21.89 11.44
C LEU A 160 -20.41 20.63 11.56
N THR A 161 -21.70 20.80 11.68
CA THR A 161 -22.62 19.70 11.49
C THR A 161 -23.90 20.30 10.87
N THR A 162 -24.01 20.22 9.55
CA THR A 162 -25.16 20.71 8.80
C THR A 162 -25.67 19.57 7.92
N ALA A 163 -25.83 18.42 8.55
CA ALA A 163 -26.36 17.23 7.94
C ALA A 163 -25.70 16.90 6.62
N GLN A 164 -26.48 16.68 5.58
CA GLN A 164 -25.95 16.29 4.29
C GLN A 164 -25.14 17.35 3.58
N THR A 165 -25.02 18.53 4.16
CA THR A 165 -24.27 19.64 3.60
C THR A 165 -22.96 19.87 4.39
N THR A 166 -22.75 19.12 5.46
CA THR A 166 -21.56 19.32 6.30
C THR A 166 -20.22 19.49 5.56
N GLY A 167 -19.96 18.54 4.69
CA GLY A 167 -18.64 18.46 4.06
C GLY A 167 -18.36 19.68 3.20
N THR A 168 -19.43 20.23 2.65
CA THR A 168 -19.34 21.37 1.73
C THR A 168 -19.12 22.66 2.52
N HIS A 169 -19.84 22.79 3.61
CA HIS A 169 -19.69 23.94 4.45
C HIS A 169 -18.34 23.98 5.16
N SER A 170 -17.88 22.82 5.62
CA SER A 170 -16.58 22.72 6.27
C SER A 170 -15.48 23.28 5.40
N ILE A 171 -15.46 22.87 4.14
CA ILE A 171 -14.44 23.31 3.25
C ILE A 171 -14.58 24.79 2.98
N GLY A 172 -15.78 25.25 2.70
CA GLY A 172 -16.00 26.67 2.41
C GLY A 172 -15.60 27.60 3.53
N MET A 173 -16.02 27.29 4.73
CA MET A 173 -15.65 28.15 5.84
C MET A 173 -14.19 28.05 6.23
N ALA A 174 -13.53 26.94 5.94
CA ALA A 174 -12.12 26.85 6.17
C ALA A 174 -11.42 27.73 5.19
N ALA A 175 -11.86 27.74 3.95
CA ALA A 175 -11.28 28.67 3.00
C ALA A 175 -11.46 30.11 3.49
N ARG A 176 -12.62 30.43 4.07
CA ARG A 176 -12.82 31.79 4.61
C ARG A 176 -11.85 32.08 5.77
N ASN A 177 -11.50 31.08 6.57
CA ASN A 177 -10.48 31.29 7.58
C ASN A 177 -9.21 31.81 6.93
N ILE A 178 -8.79 31.17 5.85
CA ILE A 178 -7.55 31.53 5.14
C ILE A 178 -7.62 32.88 4.41
N ALA A 179 -8.65 33.10 3.61
CA ALA A 179 -8.91 34.43 3.05
C ALA A 179 -8.96 35.60 4.10
N TYR A 180 -9.42 35.34 5.32
CA TYR A 180 -9.54 36.37 6.39
C TYR A 180 -8.19 36.70 7.07
N GLY A 181 -7.19 35.82 6.96
CA GLY A 181 -5.95 35.97 7.74
C GLY A 181 -5.87 35.18 9.02
N GLU A 182 -6.92 34.46 9.39
CA GLU A 182 -6.90 33.64 10.62
C GLU A 182 -6.07 32.34 10.46
N ALA A 183 -5.83 31.93 9.23
CA ALA A 183 -4.94 30.81 9.00
C ALA A 183 -4.31 30.90 7.62
N ASP A 184 -3.19 30.22 7.48
CA ASP A 184 -2.55 30.01 6.19
C ASP A 184 -2.94 28.64 5.58
N VAL A 185 -3.20 27.68 6.46
CA VAL A 185 -3.50 26.32 6.05
C VAL A 185 -4.65 25.74 6.91
N MET A 186 -5.55 25.00 6.25
CA MET A 186 -6.64 24.35 6.96
C MET A 186 -6.88 22.99 6.37
N VAL A 187 -7.04 22.01 7.23
CA VAL A 187 -7.51 20.69 6.85
C VAL A 187 -9.01 20.67 7.01
N ALA A 188 -9.76 20.57 5.91
CA ALA A 188 -11.21 20.60 6.00
C ALA A 188 -11.89 19.46 5.25
N GLY A 189 -13.10 19.13 5.70
CA GLY A 189 -13.80 17.99 5.13
C GLY A 189 -14.83 17.35 6.04
N GLY A 190 -15.06 16.05 5.91
CA GLY A 190 -16.20 15.44 6.58
C GLY A 190 -16.05 13.95 6.71
N SER A 191 -16.69 13.36 7.71
CA SER A 191 -16.67 11.92 7.88
C SER A 191 -17.99 11.40 8.46
N GLU A 192 -18.32 10.17 8.12
CA GLU A 192 -19.60 9.61 8.56
C GLU A 192 -19.58 8.09 8.56
N MET A 193 -20.23 7.55 9.56
CA MET A 193 -20.55 6.14 9.63
C MET A 193 -21.86 6.03 10.39
N ALA A 194 -22.97 6.10 9.67
CA ALA A 194 -24.27 6.03 10.28
C ALA A 194 -24.97 4.70 9.92
N ALA A 195 -24.24 3.80 9.24
CA ALA A 195 -24.67 2.44 8.96
C ALA A 195 -24.61 1.59 10.22
N CYS A 196 -25.56 1.86 11.09
CA CYS A 196 -25.73 1.14 12.33
C CYS A 196 -27.23 0.99 12.44
N GLY A 197 -27.72 0.22 13.37
CA GLY A 197 -29.17 0.13 13.54
C GLY A 197 -29.97 1.45 13.58
N LEU A 198 -29.51 2.44 14.33
CA LEU A 198 -30.26 3.73 14.42
C LEU A 198 -30.24 4.51 13.10
N GLY A 199 -29.14 4.39 12.38
CA GLY A 199 -29.03 5.14 11.14
C GLY A 199 -29.97 4.58 10.11
N LEU A 200 -29.81 3.30 9.82
CA LEU A 200 -30.59 2.64 8.81
C LEU A 200 -32.05 2.59 9.19
N GLY A 201 -32.32 2.39 10.49
CA GLY A 201 -33.68 2.33 10.97
C GLY A 201 -34.32 3.69 11.00
N GLY A 202 -33.56 4.73 11.36
CA GLY A 202 -34.11 6.08 11.42
C GLY A 202 -34.49 6.61 10.04
N PHE A 203 -33.60 6.37 9.09
CA PHE A 203 -33.84 6.73 7.73
C PHE A 203 -34.91 5.85 7.06
N GLY A 204 -34.93 4.58 7.42
CA GLY A 204 -36.03 3.68 7.02
C GLY A 204 -37.38 4.11 7.55
N ALA A 205 -37.42 4.51 8.81
CA ALA A 205 -38.64 4.98 9.46
C ALA A 205 -39.14 6.21 8.74
N ALA A 206 -38.23 7.08 8.32
CA ALA A 206 -38.64 8.25 7.51
C ALA A 206 -38.95 7.88 6.05
N ARG A 207 -38.72 6.63 5.68
CA ARG A 207 -38.98 6.12 4.32
C ARG A 207 -38.08 6.81 3.27
N ALA A 208 -36.91 7.27 3.69
CA ALA A 208 -36.07 8.13 2.86
C ALA A 208 -35.11 7.36 1.98
N LEU A 209 -34.95 6.09 2.29
CA LEU A 209 -34.05 5.21 1.61
C LEU A 209 -34.71 4.34 0.52
N SER A 210 -33.94 4.11 -0.54
CA SER A 210 -34.27 3.14 -1.52
C SER A 210 -34.32 1.78 -0.86
N THR A 211 -35.22 0.93 -1.36
CA THR A 211 -35.41 -0.40 -0.81
C THR A 211 -35.16 -1.47 -1.86
N ARG A 212 -34.43 -1.14 -2.93
CA ARG A 212 -34.08 -2.08 -4.00
C ARG A 212 -33.01 -3.12 -3.56
N ASN A 213 -33.40 -3.93 -2.59
CA ASN A 213 -32.55 -4.97 -2.01
C ASN A 213 -32.08 -6.05 -2.94
N ASP A 214 -32.87 -6.40 -3.95
CA ASP A 214 -32.46 -7.44 -4.88
C ASP A 214 -31.33 -7.01 -5.81
N GLU A 215 -31.22 -5.70 -6.09
CA GLU A 215 -30.17 -5.15 -6.98
C GLU A 215 -29.61 -3.90 -6.34
N PRO A 216 -28.64 -4.04 -5.44
CA PRO A 216 -28.19 -2.83 -4.75
C PRO A 216 -27.35 -1.89 -5.64
N THR A 217 -26.60 -2.40 -6.61
CA THR A 217 -25.81 -1.52 -7.45
C THR A 217 -26.68 -0.63 -8.33
N ARG A 218 -27.99 -0.91 -8.41
CA ARG A 218 -28.93 -0.10 -9.21
C ARG A 218 -29.81 0.78 -8.35
N ALA A 219 -29.71 0.68 -7.04
CA ALA A 219 -30.57 1.48 -6.19
C ALA A 219 -30.40 3.00 -6.42
N SER A 220 -29.16 3.48 -6.47
CA SER A 220 -28.90 4.93 -6.57
C SER A 220 -28.89 5.31 -8.03
N ARG A 221 -29.95 6.00 -8.47
CA ARG A 221 -30.17 6.35 -9.88
C ARG A 221 -30.71 7.77 -9.94
N PRO A 222 -29.86 8.75 -9.66
CA PRO A 222 -30.35 10.12 -9.71
C PRO A 222 -30.97 10.53 -11.07
N TRP A 223 -32.14 11.15 -10.98
CA TRP A 223 -32.89 11.68 -12.11
C TRP A 223 -33.55 10.58 -12.96
N ASP A 224 -33.41 9.33 -12.54
CA ASP A 224 -34.15 8.22 -13.17
C ASP A 224 -35.56 8.17 -12.64
N ARG A 225 -36.53 7.94 -13.52
CA ARG A 225 -37.94 7.91 -13.14
C ARG A 225 -38.28 6.82 -12.14
N ASP A 226 -37.45 5.79 -12.04
CA ASP A 226 -37.74 4.70 -11.09
C ASP A 226 -36.92 4.78 -9.78
N ARG A 227 -36.34 5.94 -9.50
CA ARG A 227 -35.70 6.20 -8.23
C ARG A 227 -36.65 6.14 -7.05
N ASP A 228 -36.16 5.60 -5.92
CA ASP A 228 -36.98 5.43 -4.71
C ASP A 228 -36.27 5.79 -3.43
N GLY A 229 -35.43 6.81 -3.46
CA GLY A 229 -34.73 7.29 -2.25
C GLY A 229 -33.22 7.07 -2.31
N PHE A 230 -32.54 7.58 -1.29
CA PHE A 230 -31.09 7.65 -1.32
C PHE A 230 -30.50 6.36 -0.80
N VAL A 231 -29.23 6.19 -1.11
CA VAL A 231 -28.45 5.09 -0.63
C VAL A 231 -27.47 5.55 0.40
N LEU A 232 -27.54 4.96 1.58
CA LEU A 232 -26.70 5.38 2.67
C LEU A 232 -25.30 4.81 2.54
N SER A 233 -24.32 5.67 2.72
CA SER A 233 -22.95 5.30 2.55
C SER A 233 -22.03 5.94 3.59
N ASP A 234 -20.85 5.34 3.76
CA ASP A 234 -19.90 5.69 4.81
C ASP A 234 -18.59 6.25 4.20
N GLY A 235 -17.81 6.92 5.05
CA GLY A 235 -16.45 7.27 4.68
C GLY A 235 -16.10 8.71 4.96
N SER A 236 -15.17 9.26 4.20
CA SER A 236 -14.63 10.55 4.55
C SER A 236 -13.85 11.19 3.43
N GLY A 237 -13.82 12.52 3.42
CA GLY A 237 -12.95 13.23 2.54
C GLY A 237 -12.29 14.34 3.33
N ALA A 238 -11.11 14.73 2.90
CA ALA A 238 -10.39 15.82 3.53
C ALA A 238 -9.53 16.52 2.52
N LEU A 239 -9.48 17.82 2.61
CA LEU A 239 -8.61 18.64 1.76
C LEU A 239 -7.66 19.51 2.56
N VAL A 240 -6.43 19.63 2.08
CA VAL A 240 -5.54 20.66 2.59
C VAL A 240 -5.77 21.90 1.74
N LEU A 241 -6.38 22.94 2.36
CA LEU A 241 -6.50 24.28 1.79
C LEU A 241 -5.30 25.09 2.22
N GLU A 242 -4.83 25.98 1.34
CA GLU A 242 -3.59 26.72 1.57
C GLU A 242 -3.62 28.07 0.88
N GLU A 243 -3.20 29.12 1.61
CA GLU A 243 -3.05 30.43 1.00
C GLU A 243 -2.04 30.28 -0.15
N LEU A 244 -2.24 31.03 -1.22
CA LEU A 244 -1.53 30.82 -2.52
C LEU A 244 -0.04 31.09 -2.44
N GLU A 245 0.33 32.23 -1.86
CA GLU A 245 1.73 32.54 -1.67
C GLU A 245 2.45 31.55 -0.77
N HIS A 246 1.79 31.12 0.31
CA HIS A 246 2.39 30.14 1.23
C HIS A 246 2.74 28.81 0.51
N ALA A 247 1.91 28.46 -0.46
CA ALA A 247 2.09 27.23 -1.25
C ALA A 247 3.18 27.41 -2.30
N ARG A 248 3.17 28.56 -2.98
CA ARG A 248 4.27 28.90 -3.88
C ARG A 248 5.61 28.89 -3.16
N ALA A 249 5.64 29.50 -1.98
CA ALA A 249 6.88 29.65 -1.23
C ALA A 249 7.56 28.33 -0.97
N ARG A 250 6.79 27.30 -0.63
CA ARG A 250 7.39 25.99 -0.37
C ARG A 250 7.34 25.02 -1.57
N GLY A 251 7.00 25.51 -2.76
CA GLY A 251 6.91 24.67 -3.93
C GLY A 251 5.86 23.58 -3.87
N ALA A 252 4.68 23.90 -3.35
CA ALA A 252 3.59 22.92 -3.26
C ALA A 252 3.05 22.56 -4.66
N ARG A 253 2.68 21.30 -4.85
CA ARG A 253 1.88 20.94 -6.00
C ARG A 253 0.46 21.41 -5.71
N ILE A 254 -0.12 22.12 -6.67
CA ILE A 254 -1.45 22.67 -6.55
C ILE A 254 -2.34 21.95 -7.52
N TYR A 255 -3.37 21.27 -7.00
CA TYR A 255 -4.38 20.60 -7.84
C TYR A 255 -5.28 21.62 -8.52
N ALA A 256 -5.66 22.67 -7.80
CA ALA A 256 -6.72 23.57 -8.27
C ALA A 256 -6.98 24.71 -7.29
N GLU A 257 -7.70 25.72 -7.72
CA GLU A 257 -8.00 26.85 -6.88
C GLU A 257 -9.43 26.81 -6.40
N LEU A 258 -9.63 27.06 -5.12
CA LEU A 258 -10.96 27.19 -4.56
C LEU A 258 -11.30 28.66 -4.60
N VAL A 259 -12.22 29.03 -5.51
CA VAL A 259 -12.57 30.42 -5.87
C VAL A 259 -13.91 30.88 -5.34
N GLY A 260 -14.83 29.97 -5.05
CA GLY A 260 -16.12 30.44 -4.61
C GLY A 260 -16.74 29.59 -3.55
N PHE A 261 -17.46 30.24 -2.64
CA PHE A 261 -18.25 29.56 -1.65
C PHE A 261 -19.58 30.28 -1.42
N GLY A 262 -20.69 29.57 -1.63
CA GLY A 262 -22.01 30.15 -1.33
C GLY A 262 -22.81 29.34 -0.35
N MET A 263 -23.76 30.03 0.30
CA MET A 263 -24.68 29.44 1.27
C MET A 263 -26.08 30.03 1.15
N SER A 264 -27.07 29.21 1.52
CA SER A 264 -28.45 29.62 1.60
C SER A 264 -29.34 28.69 2.46
N GLY A 265 -30.51 29.19 2.83
CA GLY A 265 -31.55 28.37 3.43
C GLY A 265 -32.79 28.36 2.54
N ASP A 266 -33.41 27.20 2.39
CA ASP A 266 -34.69 27.12 1.70
C ASP A 266 -35.72 27.90 2.48
N ALA A 267 -35.74 27.68 3.79
CA ALA A 267 -36.83 28.12 4.66
C ALA A 267 -38.15 27.54 4.20
N PHE A 268 -38.19 26.24 4.00
CA PHE A 268 -39.34 25.63 3.38
C PHE A 268 -39.89 24.42 4.11
N HIS A 269 -39.08 23.40 4.29
CA HIS A 269 -39.53 22.15 4.87
C HIS A 269 -38.34 21.41 5.50
N MET A 270 -38.64 20.51 6.43
CA MET A 270 -37.63 19.90 7.28
C MET A 270 -36.74 18.95 6.49
N THR A 271 -37.32 18.33 5.46
CA THR A 271 -36.66 17.28 4.67
C THR A 271 -36.78 17.39 3.15
N ALA A 272 -37.71 18.18 2.67
CA ALA A 272 -38.00 18.21 1.23
C ALA A 272 -37.63 19.59 0.71
N PRO A 273 -36.98 19.64 -0.45
CA PRO A 273 -36.66 20.92 -1.06
C PRO A 273 -37.87 21.48 -1.77
N PRO A 274 -37.89 22.78 -2.04
CA PRO A 274 -38.99 23.31 -2.85
C PRO A 274 -38.86 22.87 -4.32
N GLU A 275 -40.02 22.65 -4.96
CA GLU A 275 -40.12 22.16 -6.35
C GLU A 275 -39.24 22.92 -7.32
N ASP A 276 -39.18 24.24 -7.16
CA ASP A 276 -38.38 25.11 -8.03
C ASP A 276 -36.87 25.19 -7.66
N GLY A 277 -36.46 24.59 -6.55
CA GLY A 277 -35.06 24.65 -6.07
C GLY A 277 -34.53 26.05 -5.87
N ALA A 278 -35.41 26.95 -5.48
CA ALA A 278 -35.07 28.38 -5.42
C ALA A 278 -34.06 28.66 -4.34
N GLY A 279 -33.99 27.84 -3.30
CA GLY A 279 -32.89 27.94 -2.33
C GLY A 279 -31.53 27.52 -2.88
N ALA A 280 -31.51 26.40 -3.60
CA ALA A 280 -30.30 25.95 -4.27
C ALA A 280 -29.87 26.95 -5.32
N ALA A 281 -30.82 27.54 -6.03
CA ALA A 281 -30.53 28.56 -7.03
C ALA A 281 -29.80 29.74 -6.42
N ARG A 282 -30.33 30.29 -5.34
CA ARG A 282 -29.65 31.40 -4.63
C ARG A 282 -28.27 31.01 -4.14
N CYS A 283 -28.10 29.77 -3.71
CA CYS A 283 -26.82 29.32 -3.18
C CYS A 283 -25.76 29.29 -4.25
N MET A 284 -26.12 28.75 -5.41
CA MET A 284 -25.18 28.66 -6.52
C MET A 284 -24.85 30.08 -6.96
N LYS A 285 -25.87 30.94 -7.05
CA LYS A 285 -25.65 32.33 -7.47
C LYS A 285 -24.70 33.03 -6.48
N ASN A 286 -24.95 32.87 -5.19
CA ASN A 286 -24.03 33.40 -4.23
C ASN A 286 -22.63 32.89 -4.44
N ALA A 287 -22.52 31.62 -4.81
CA ALA A 287 -21.17 31.02 -4.92
C ALA A 287 -20.45 31.56 -6.16
N LEU A 288 -21.19 31.74 -7.24
CA LEU A 288 -20.64 32.29 -8.47
C LEU A 288 -20.18 33.73 -8.31
N ARG A 289 -20.99 34.56 -7.66
CA ARG A 289 -20.64 35.94 -7.45
C ARG A 289 -19.44 36.07 -6.52
N ASP A 290 -19.38 35.20 -5.52
CA ASP A 290 -18.21 35.13 -4.62
C ASP A 290 -16.93 34.81 -5.41
N ALA A 291 -17.06 34.10 -6.53
CA ALA A 291 -15.92 33.67 -7.32
C ALA A 291 -15.60 34.67 -8.42
N GLY A 292 -16.44 35.69 -8.51
CA GLY A 292 -16.41 36.62 -9.60
C GLY A 292 -16.70 36.07 -10.99
N LEU A 293 -17.62 35.11 -11.06
CA LEU A 293 -17.90 34.36 -12.26
C LEU A 293 -19.35 34.55 -12.78
N ASP A 294 -19.46 34.51 -14.09
CA ASP A 294 -20.72 34.47 -14.81
C ASP A 294 -21.11 32.99 -14.97
N PRO A 295 -22.40 32.67 -14.94
CA PRO A 295 -22.87 31.28 -15.08
C PRO A 295 -22.27 30.58 -16.30
N ARG A 296 -22.05 31.34 -17.38
CA ARG A 296 -21.53 30.75 -18.61
C ARG A 296 -20.14 30.20 -18.52
N GLN A 297 -19.43 30.56 -17.48
CA GLN A 297 -18.07 30.09 -17.31
C GLN A 297 -18.03 28.72 -16.58
N VAL A 298 -19.17 28.16 -16.23
CA VAL A 298 -19.16 26.89 -15.55
C VAL A 298 -19.22 25.75 -16.58
N ASP A 299 -18.32 24.78 -16.42
CA ASP A 299 -18.25 23.65 -17.37
C ASP A 299 -18.83 22.34 -16.80
N TYR A 300 -18.69 22.14 -15.50
CA TYR A 300 -19.11 20.90 -14.83
C TYR A 300 -19.64 21.18 -13.43
N ILE A 301 -20.76 20.51 -13.12
CA ILE A 301 -21.37 20.51 -11.82
C ILE A 301 -21.47 19.10 -11.28
N ASN A 302 -20.91 18.90 -10.09
CA ASN A 302 -21.12 17.69 -9.34
C ASN A 302 -22.31 17.94 -8.48
N ALA A 303 -23.43 17.32 -8.82
CA ALA A 303 -24.71 17.57 -8.16
C ALA A 303 -24.80 16.97 -6.75
N HIS A 304 -25.70 17.51 -5.93
CA HIS A 304 -26.12 16.78 -4.79
C HIS A 304 -26.72 15.42 -5.23
N GLY A 305 -27.72 15.47 -6.10
CA GLY A 305 -28.16 14.32 -6.87
C GLY A 305 -28.26 13.05 -6.03
N THR A 306 -29.18 13.06 -5.07
CA THR A 306 -29.25 12.00 -4.07
C THR A 306 -30.10 10.77 -4.45
N SER A 307 -30.89 10.85 -5.51
CA SER A 307 -31.83 9.81 -5.95
C SER A 307 -33.10 9.80 -5.14
N THR A 308 -33.48 10.96 -4.58
CA THR A 308 -34.85 11.16 -4.06
C THR A 308 -35.74 11.76 -5.17
N PRO A 309 -37.06 11.41 -5.17
CA PRO A 309 -37.96 12.07 -6.13
C PRO A 309 -37.87 13.61 -6.08
N ALA A 310 -38.19 14.19 -4.93
CA ALA A 310 -38.32 15.64 -4.85
C ALA A 310 -37.01 16.39 -5.07
N GLY A 311 -35.91 15.89 -4.52
CA GLY A 311 -34.63 16.62 -4.59
C GLY A 311 -33.92 16.67 -5.94
N ASP A 312 -33.86 15.54 -6.61
CA ASP A 312 -33.22 15.48 -7.94
C ASP A 312 -33.87 16.48 -8.92
N ILE A 313 -35.18 16.64 -8.79
CA ILE A 313 -35.92 17.44 -9.72
C ILE A 313 -35.77 18.91 -9.37
N ALA A 314 -35.80 19.24 -8.09
CA ALA A 314 -35.53 20.63 -7.65
C ALA A 314 -34.18 21.11 -8.17
N GLU A 315 -33.19 20.22 -8.13
CA GLU A 315 -31.87 20.59 -8.52
C GLU A 315 -31.78 20.94 -10.00
N ILE A 316 -32.56 20.24 -10.82
CA ILE A 316 -32.68 20.56 -12.26
C ILE A 316 -33.30 21.92 -12.42
N ALA A 317 -34.40 22.15 -11.73
CA ALA A 317 -35.06 23.43 -11.82
C ALA A 317 -34.09 24.56 -11.50
N ALA A 318 -33.30 24.37 -10.45
CA ALA A 318 -32.42 25.42 -9.93
C ALA A 318 -31.27 25.72 -10.87
N VAL A 319 -30.69 24.64 -11.42
CA VAL A 319 -29.65 24.73 -12.44
C VAL A 319 -30.15 25.45 -13.70
N LYS A 320 -31.36 25.08 -14.17
CA LYS A 320 -31.96 25.74 -15.36
C LYS A 320 -32.24 27.23 -15.11
N SER A 321 -32.69 27.55 -13.91
CA SER A 321 -32.96 28.93 -13.61
C SER A 321 -31.65 29.75 -13.40
N VAL A 322 -30.65 29.17 -12.77
CA VAL A 322 -29.37 29.90 -12.65
C VAL A 322 -28.65 30.04 -14.01
N PHE A 323 -28.52 28.94 -14.73
CA PHE A 323 -27.64 28.92 -15.88
C PHE A 323 -28.31 29.26 -17.20
N GLY A 324 -29.64 29.30 -17.24
CA GLY A 324 -30.35 29.61 -18.49
C GLY A 324 -29.99 28.66 -19.61
N GLU A 325 -29.78 29.19 -20.82
CA GLU A 325 -29.53 28.36 -22.00
C GLU A 325 -28.29 27.54 -21.81
N HIS A 326 -27.27 28.14 -21.15
CA HIS A 326 -26.00 27.48 -20.85
C HIS A 326 -26.15 26.20 -19.99
N ALA A 327 -27.31 26.02 -19.37
CA ALA A 327 -27.62 24.77 -18.66
C ALA A 327 -27.45 23.55 -19.57
N HIS A 328 -27.61 23.77 -20.89
CA HIS A 328 -27.50 22.69 -21.88
C HIS A 328 -26.09 22.51 -22.41
N ALA A 329 -25.14 23.36 -22.04
CA ALA A 329 -23.77 23.22 -22.48
C ALA A 329 -22.86 22.60 -21.40
N LEU A 330 -23.13 22.94 -20.15
CA LEU A 330 -22.41 22.36 -19.01
C LEU A 330 -22.76 20.85 -18.94
N SER A 331 -21.93 20.10 -18.23
CA SER A 331 -22.25 18.73 -17.90
C SER A 331 -22.50 18.69 -16.39
N MET A 332 -23.55 18.02 -15.96
CA MET A 332 -23.79 17.76 -14.54
C MET A 332 -23.92 16.26 -14.30
N SER A 333 -23.34 15.77 -13.22
CA SER A 333 -23.49 14.40 -12.87
C SER A 333 -23.57 14.22 -11.35
N SER A 334 -24.19 13.13 -10.92
CA SER A 334 -24.15 12.73 -9.51
C SER A 334 -23.34 11.49 -9.36
N THR A 335 -22.22 11.64 -8.68
CA THR A 335 -21.37 10.53 -8.38
C THR A 335 -21.94 9.73 -7.20
N LYS A 336 -22.99 10.22 -6.55
CA LYS A 336 -23.75 9.35 -5.64
C LYS A 336 -24.41 8.14 -6.33
N SER A 337 -24.60 8.23 -7.65
CA SER A 337 -25.01 7.09 -8.46
C SER A 337 -24.13 5.86 -8.19
N MET A 338 -22.84 6.12 -7.98
CA MET A 338 -21.80 5.11 -7.61
C MET A 338 -21.38 5.02 -6.13
N THR A 339 -21.18 6.16 -5.48
CA THR A 339 -20.70 6.14 -4.12
C THR A 339 -21.79 5.93 -3.13
N GLY A 340 -23.05 6.14 -3.51
CA GLY A 340 -24.10 6.37 -2.51
C GLY A 340 -23.91 7.74 -1.83
N HIS A 341 -24.65 7.96 -0.74
CA HIS A 341 -24.76 9.27 -0.07
C HIS A 341 -24.00 9.15 1.25
N LEU A 342 -22.84 9.78 1.30
CA LEU A 342 -22.01 9.75 2.46
C LEU A 342 -22.43 10.77 3.50
N LEU A 343 -23.64 11.32 3.35
CA LEU A 343 -24.18 12.31 4.30
C LEU A 343 -23.22 13.50 4.58
N GLY A 344 -22.76 13.65 5.82
CA GLY A 344 -21.86 14.74 6.15
C GLY A 344 -20.53 14.69 5.40
N ALA A 345 -20.12 13.52 4.88
CA ALA A 345 -18.89 13.40 4.09
C ALA A 345 -19.14 13.59 2.63
N ALA A 346 -20.41 13.61 2.21
CA ALA A 346 -20.72 13.67 0.78
C ALA A 346 -20.08 14.90 0.15
N GLY A 347 -20.31 16.05 0.75
CA GLY A 347 -19.66 17.27 0.29
C GLY A 347 -18.14 17.21 0.13
N ALA A 348 -17.49 16.48 1.02
CA ALA A 348 -16.03 16.44 1.08
C ALA A 348 -15.47 15.59 -0.06
N VAL A 349 -16.05 14.39 -0.27
CA VAL A 349 -15.62 13.52 -1.32
C VAL A 349 -16.02 14.12 -2.66
N GLU A 350 -17.17 14.76 -2.73
CA GLU A 350 -17.56 15.31 -4.01
C GLU A 350 -16.71 16.55 -4.40
N ALA A 351 -16.18 17.28 -3.42
CA ALA A 351 -15.26 18.38 -3.67
C ALA A 351 -14.00 17.82 -4.25
N ILE A 352 -13.54 16.71 -3.71
CA ILE A 352 -12.41 16.01 -4.26
C ILE A 352 -12.70 15.46 -5.65
N PHE A 353 -13.88 14.93 -5.88
CA PHE A 353 -14.19 14.49 -7.24
C PHE A 353 -14.15 15.65 -8.23
N SER A 354 -14.58 16.81 -7.75
CA SER A 354 -14.67 17.99 -8.58
C SER A 354 -13.28 18.50 -8.95
N VAL A 355 -12.36 18.41 -8.00
CA VAL A 355 -10.98 18.81 -8.21
C VAL A 355 -10.31 17.83 -9.23
N LEU A 356 -10.50 16.55 -9.01
CA LEU A 356 -9.99 15.53 -9.94
C LEU A 356 -10.56 15.66 -11.35
N ALA A 357 -11.82 16.02 -11.45
CA ALA A 357 -12.40 16.33 -12.73
C ALA A 357 -11.71 17.50 -13.44
N LEU A 358 -11.23 18.47 -12.68
CA LEU A 358 -10.42 19.57 -13.23
C LEU A 358 -9.01 19.08 -13.64
N ARG A 359 -8.41 18.24 -12.81
CA ARG A 359 -7.09 17.68 -13.11
C ARG A 359 -7.13 16.89 -14.44
N ASP A 360 -8.02 15.91 -14.53
CA ASP A 360 -8.01 14.99 -15.65
C ASP A 360 -8.92 15.38 -16.81
N GLN A 361 -9.52 16.56 -16.74
CA GLN A 361 -10.45 17.01 -17.76
C GLN A 361 -11.49 15.94 -18.18
N VAL A 362 -12.27 15.47 -17.22
CA VAL A 362 -13.29 14.49 -17.52
C VAL A 362 -14.41 14.64 -16.51
N ALA A 363 -15.63 14.53 -17.01
CA ALA A 363 -16.81 14.60 -16.20
C ALA A 363 -17.19 13.17 -15.83
N PRO A 364 -17.29 12.87 -14.53
CA PRO A 364 -17.69 11.54 -14.14
C PRO A 364 -19.13 11.26 -14.50
N PRO A 365 -19.50 9.98 -14.57
CA PRO A 365 -20.78 9.59 -15.10
C PRO A 365 -21.89 9.58 -14.06
N THR A 366 -23.12 9.79 -14.50
CA THR A 366 -24.26 9.44 -13.68
C THR A 366 -24.67 8.06 -14.11
N ILE A 367 -24.32 7.03 -13.30
CA ILE A 367 -24.66 5.64 -13.68
C ILE A 367 -26.12 5.38 -13.31
N ASN A 368 -26.67 4.27 -13.81
CA ASN A 368 -28.08 3.89 -13.62
C ASN A 368 -29.15 4.85 -14.23
N LEU A 369 -28.73 5.84 -15.04
CA LEU A 369 -29.68 6.85 -15.57
C LEU A 369 -30.29 6.31 -16.87
N ASP A 370 -31.13 5.29 -16.68
CA ASP A 370 -31.66 4.47 -17.75
C ASP A 370 -32.78 5.24 -18.45
N ASN A 371 -33.71 5.77 -17.64
CA ASN A 371 -34.88 6.51 -18.13
C ASN A 371 -35.07 7.85 -17.40
N PRO A 372 -34.40 8.90 -17.88
CA PRO A 372 -34.55 10.21 -17.28
C PRO A 372 -35.99 10.65 -17.18
N ASP A 373 -36.35 11.15 -16.01
CA ASP A 373 -37.69 11.64 -15.70
C ASP A 373 -38.07 12.89 -16.51
N GLU A 374 -39.35 13.25 -16.48
CA GLU A 374 -39.80 14.51 -17.07
C GLU A 374 -38.88 15.69 -16.66
N GLY A 375 -38.44 16.47 -17.62
CA GLY A 375 -37.58 17.62 -17.29
C GLY A 375 -36.09 17.33 -17.15
N CYS A 376 -35.71 16.07 -17.04
CA CYS A 376 -34.32 15.76 -16.77
C CYS A 376 -33.61 15.57 -18.10
N ASP A 377 -33.61 16.63 -18.88
CA ASP A 377 -33.14 16.57 -20.24
C ASP A 377 -31.81 17.30 -20.48
N LEU A 378 -31.07 17.64 -19.43
CA LEU A 378 -29.70 18.19 -19.53
C LEU A 378 -28.64 17.13 -19.84
N ASP A 379 -27.41 17.57 -20.13
CA ASP A 379 -26.28 16.62 -20.23
C ASP A 379 -25.93 16.14 -18.84
N LEU A 380 -26.49 15.01 -18.46
CA LEU A 380 -26.23 14.43 -17.17
C LEU A 380 -25.20 13.31 -17.16
N VAL A 381 -24.39 13.27 -18.22
CA VAL A 381 -23.26 12.35 -18.36
C VAL A 381 -23.76 10.96 -18.04
N ALA A 382 -24.88 10.55 -18.60
CA ALA A 382 -25.42 9.25 -18.27
C ALA A 382 -24.44 8.13 -18.61
N HIS A 383 -24.29 7.19 -17.69
CA HIS A 383 -23.70 5.88 -17.98
C HIS A 383 -22.22 5.85 -18.01
N GLU A 384 -21.57 6.76 -18.75
CA GLU A 384 -20.11 6.73 -18.81
C GLU A 384 -19.35 8.06 -18.85
N ALA A 385 -18.15 8.03 -18.27
CA ALA A 385 -17.29 9.20 -18.16
C ALA A 385 -17.23 9.93 -19.49
N LYS A 386 -17.13 11.26 -19.44
CA LYS A 386 -17.11 12.09 -20.62
C LYS A 386 -15.92 13.06 -20.57
N PRO A 387 -14.86 12.74 -21.30
CA PRO A 387 -13.76 13.69 -21.43
C PRO A 387 -14.29 14.96 -22.03
N ARG A 388 -13.86 16.11 -21.52
CA ARG A 388 -14.24 17.40 -22.07
C ARG A 388 -13.44 18.53 -21.41
N LYS A 389 -13.64 19.76 -21.89
CA LYS A 389 -13.05 20.93 -21.26
C LYS A 389 -13.77 21.28 -19.94
N ILE A 390 -12.99 21.29 -18.86
CA ILE A 390 -13.49 21.76 -17.56
C ILE A 390 -12.53 22.78 -16.97
N ASP A 391 -12.89 24.05 -17.12
CA ASP A 391 -12.17 25.13 -16.45
C ASP A 391 -12.65 25.38 -15.04
N VAL A 392 -13.96 25.29 -14.87
CA VAL A 392 -14.58 25.65 -13.62
C VAL A 392 -15.57 24.55 -13.27
N ALA A 393 -15.51 24.10 -12.01
CA ALA A 393 -16.34 22.97 -11.56
C ALA A 393 -17.04 23.31 -10.24
N LEU A 394 -18.36 23.10 -10.20
CA LEU A 394 -19.15 23.34 -9.00
C LEU A 394 -19.61 22.06 -8.31
N SER A 395 -19.66 22.14 -7.00
CA SER A 395 -20.13 21.07 -6.18
C SER A 395 -21.21 21.64 -5.23
N ASN A 396 -22.42 21.13 -5.37
CA ASN A 396 -23.54 21.40 -4.48
C ASN A 396 -23.83 20.39 -3.37
N SER A 397 -24.36 20.86 -2.26
CA SER A 397 -24.98 20.01 -1.27
C SER A 397 -26.18 20.73 -0.68
N PHE A 398 -27.30 20.00 -0.56
CA PHE A 398 -28.57 20.54 -0.09
C PHE A 398 -29.14 19.63 0.98
N GLY A 399 -29.04 19.97 2.27
CA GLY A 399 -29.41 19.04 3.34
C GLY A 399 -30.62 19.40 4.14
N PHE A 400 -31.12 18.44 4.92
CA PHE A 400 -32.25 18.64 5.85
C PHE A 400 -32.19 19.96 6.58
N GLY A 401 -33.36 20.51 6.88
CA GLY A 401 -33.42 21.88 7.33
C GLY A 401 -33.32 22.86 6.20
N GLY A 402 -33.35 22.35 4.96
CA GLY A 402 -33.13 23.15 3.77
C GLY A 402 -31.84 23.94 3.77
N THR A 403 -30.75 23.32 4.21
CA THR A 403 -29.49 24.01 4.32
C THR A 403 -28.59 23.71 3.13
N ASN A 404 -28.14 24.77 2.46
CA ASN A 404 -27.49 24.68 1.14
C ASN A 404 -26.10 25.24 1.12
N GLY A 405 -25.26 24.67 0.28
CA GLY A 405 -23.86 25.03 0.21
C GLY A 405 -23.40 24.71 -1.18
N THR A 406 -22.62 25.61 -1.77
CA THR A 406 -22.04 25.42 -3.09
C THR A 406 -20.58 25.84 -3.08
N LEU A 407 -19.71 24.96 -3.56
CA LEU A 407 -18.28 25.28 -3.77
C LEU A 407 -17.95 25.42 -5.23
N VAL A 408 -17.10 26.38 -5.56
CA VAL A 408 -16.64 26.56 -6.93
C VAL A 408 -15.12 26.41 -7.01
N PHE A 409 -14.69 25.44 -7.81
CA PHE A 409 -13.28 25.27 -8.05
C PHE A 409 -12.94 25.61 -9.49
N ARG A 410 -11.66 25.87 -9.70
CA ARG A 410 -11.15 26.39 -10.94
C ARG A 410 -9.67 25.96 -11.18
N ARG A 411 -9.33 25.70 -12.43
CA ARG A 411 -7.98 25.32 -12.73
C ARG A 411 -7.05 26.44 -12.32
N PHE A 412 -5.88 26.08 -11.80
CA PHE A 412 -4.95 27.11 -11.36
C PHE A 412 -3.92 27.60 -12.40
N ALA A 413 -3.93 28.92 -12.64
CA ALA A 413 -2.74 29.67 -13.11
C ALA A 413 -2.96 31.21 -12.98
N SER B 2 37.45 -21.13 -24.06
CA SER B 2 38.07 -21.36 -22.72
C SER B 2 37.22 -20.76 -21.57
N ARG B 3 35.91 -21.03 -21.61
CA ARG B 3 34.97 -20.71 -20.51
C ARG B 3 34.75 -21.97 -19.64
N ARG B 4 35.06 -21.84 -18.36
CA ARG B 4 35.29 -22.98 -17.46
C ARG B 4 34.07 -23.21 -16.57
N ARG B 5 33.91 -24.44 -16.08
CA ARG B 5 32.68 -24.87 -15.40
C ARG B 5 32.72 -24.54 -13.92
N VAL B 6 31.57 -24.15 -13.36
CA VAL B 6 31.45 -23.72 -11.99
C VAL B 6 30.53 -24.63 -11.22
N VAL B 7 31.03 -25.19 -10.12
CA VAL B 7 30.23 -26.01 -9.23
C VAL B 7 30.17 -25.45 -7.83
N ILE B 8 29.20 -25.97 -7.07
CA ILE B 8 28.96 -25.56 -5.70
C ILE B 8 29.51 -26.63 -4.74
N THR B 9 30.41 -26.21 -3.85
CA THR B 9 31.11 -27.17 -3.01
C THR B 9 30.84 -26.96 -1.53
N GLY B 10 30.31 -25.81 -1.16
CA GLY B 10 29.98 -25.59 0.26
C GLY B 10 28.84 -24.64 0.27
N MET B 11 28.04 -24.66 1.31
CA MET B 11 26.94 -23.72 1.50
C MET B 11 26.80 -23.41 2.99
N GLY B 12 26.28 -22.23 3.32
CA GLY B 12 26.11 -21.78 4.69
C GLY B 12 24.90 -20.88 4.76
N MET B 13 24.30 -20.74 5.94
CA MET B 13 23.08 -20.03 6.03
C MET B 13 22.70 -19.62 7.43
N LEU B 14 22.08 -18.44 7.57
CA LEU B 14 21.25 -18.13 8.72
C LEU B 14 19.89 -17.80 8.14
N SER B 15 18.84 -18.33 8.76
CA SER B 15 17.48 -18.13 8.31
C SER B 15 16.48 -18.17 9.44
N PRO B 16 15.24 -17.70 9.18
CA PRO B 16 14.18 -17.82 10.19
C PRO B 16 13.83 -19.24 10.59
N LEU B 17 14.35 -20.23 9.86
CA LEU B 17 14.10 -21.63 10.23
C LEU B 17 15.24 -22.35 10.94
N GLY B 18 16.41 -21.70 11.08
CA GLY B 18 17.61 -22.40 11.53
C GLY B 18 18.92 -21.63 11.42
N LEU B 19 19.93 -22.06 12.19
CA LEU B 19 21.16 -21.37 12.29
C LEU B 19 22.20 -21.97 11.37
N ASP B 20 21.75 -22.85 10.45
CA ASP B 20 22.61 -23.43 9.42
C ASP B 20 21.82 -24.06 8.29
N VAL B 21 22.50 -24.61 7.30
CA VAL B 21 21.81 -25.14 6.15
C VAL B 21 20.95 -26.34 6.54
N PRO B 22 21.54 -27.38 7.17
CA PRO B 22 20.70 -28.54 7.41
C PRO B 22 19.46 -28.25 8.22
N SER B 23 19.55 -27.45 9.29
CA SER B 23 18.37 -27.18 10.13
C SER B 23 17.31 -26.40 9.35
N SER B 24 17.79 -25.55 8.44
CA SER B 24 16.87 -24.72 7.64
C SER B 24 16.09 -25.58 6.63
N TRP B 25 16.79 -26.44 5.91
CA TRP B 25 16.22 -27.42 4.98
C TRP B 25 15.28 -28.45 5.62
N GLU B 26 15.54 -28.87 6.87
CA GLU B 26 14.57 -29.71 7.64
C GLU B 26 13.27 -28.97 7.77
N GLY B 27 13.34 -27.71 8.16
CA GLY B 27 12.15 -26.88 8.30
C GLY B 27 11.42 -26.82 7.00
N ILE B 28 12.17 -26.59 5.93
CA ILE B 28 11.59 -26.36 4.62
C ILE B 28 10.82 -27.58 4.17
N LEU B 29 11.48 -28.74 4.22
CA LEU B 29 10.87 -29.96 3.71
C LEU B 29 9.68 -30.41 4.54
N ALA B 30 9.59 -29.94 5.79
CA ALA B 30 8.42 -30.17 6.64
C ALA B 30 7.39 -29.06 6.56
N GLY B 31 7.61 -28.03 5.76
CA GLY B 31 6.59 -27.00 5.60
C GLY B 31 6.33 -26.19 6.85
N ARG B 32 7.33 -26.10 7.70
CA ARG B 32 7.31 -25.32 8.93
C ARG B 32 7.55 -23.85 8.62
N SER B 33 6.78 -22.99 9.27
CA SER B 33 6.93 -21.56 9.18
C SER B 33 8.00 -21.07 10.12
N GLY B 34 8.78 -20.08 9.71
CA GLY B 34 9.73 -19.45 10.60
C GLY B 34 9.27 -18.05 10.98
N ILE B 35 7.97 -17.76 10.81
CA ILE B 35 7.44 -16.42 11.03
C ILE B 35 6.76 -16.27 12.42
N ALA B 36 7.08 -15.21 13.13
CA ALA B 36 6.55 -15.00 14.46
C ALA B 36 6.57 -13.52 14.86
N PRO B 37 5.73 -13.15 15.84
CA PRO B 37 5.82 -11.79 16.37
C PRO B 37 7.26 -11.44 16.73
N ILE B 38 7.70 -10.26 16.32
CA ILE B 38 9.07 -9.77 16.58
C ILE B 38 9.22 -9.44 18.08
N GLU B 39 10.25 -9.98 18.72
CA GLU B 39 10.46 -9.83 20.17
C GLU B 39 11.55 -8.84 20.51
N HIS B 40 12.45 -8.60 19.55
CA HIS B 40 13.68 -7.86 19.80
C HIS B 40 13.51 -6.34 19.79
N MET B 41 12.32 -5.87 19.46
CA MET B 41 12.00 -4.44 19.57
C MET B 41 10.47 -4.29 19.72
N ASP B 42 10.04 -3.18 20.28
CA ASP B 42 8.64 -3.00 20.61
C ASP B 42 7.98 -2.49 19.33
N LEU B 43 7.09 -3.30 18.76
CA LEU B 43 6.40 -2.93 17.53
C LEU B 43 4.91 -2.68 17.78
N SER B 44 4.57 -2.55 19.06
CA SER B 44 3.21 -2.31 19.51
C SER B 44 2.45 -1.20 18.75
N ALA B 45 3.16 -0.19 18.28
CA ALA B 45 2.52 0.85 17.48
C ALA B 45 2.83 0.78 15.96
N TYR B 46 3.10 -0.42 15.44
CA TYR B 46 3.24 -0.60 13.99
C TYR B 46 2.03 -1.39 13.49
N SER B 47 1.82 -1.33 12.18
CA SER B 47 0.75 -2.09 11.53
C SER B 47 1.18 -3.53 11.26
N THR B 48 2.49 -3.75 11.22
CA THR B 48 3.06 -5.07 11.08
C THR B 48 4.01 -5.32 12.22
N ARG B 49 3.79 -6.42 12.95
CA ARG B 49 4.47 -6.65 14.20
C ARG B 49 5.09 -8.01 14.30
N PHE B 50 5.32 -8.64 13.14
CA PHE B 50 5.84 -9.99 13.07
C PHE B 50 6.82 -10.07 11.91
N GLY B 51 7.60 -11.16 11.85
CA GLY B 51 8.47 -11.45 10.71
C GLY B 51 9.30 -12.70 10.95
N GLY B 52 10.36 -12.85 10.17
CA GLY B 52 11.26 -14.01 10.27
C GLY B 52 12.58 -13.52 10.82
N SER B 53 12.80 -13.76 12.11
CA SER B 53 14.03 -13.36 12.77
C SER B 53 14.97 -14.55 12.79
N VAL B 54 16.25 -14.24 12.93
CA VAL B 54 17.20 -15.27 13.26
C VAL B 54 17.08 -15.49 14.78
N LYS B 55 16.82 -16.74 15.18
CA LYS B 55 16.56 -17.07 16.57
C LYS B 55 17.81 -17.68 17.18
N GLY B 56 18.32 -17.00 18.23
CA GLY B 56 19.45 -17.50 19.04
C GLY B 56 20.84 -17.45 18.39
N PHE B 57 21.02 -16.50 17.47
CA PHE B 57 22.33 -16.29 16.84
C PHE B 57 23.40 -15.98 17.89
N ASN B 58 24.48 -16.72 17.80
CA ASN B 58 25.60 -16.54 18.69
C ASN B 58 26.82 -16.21 17.85
N VAL B 59 27.11 -14.92 17.74
CA VAL B 59 28.24 -14.47 16.93
C VAL B 59 29.57 -15.02 17.45
N GLU B 60 29.64 -15.29 18.75
CA GLU B 60 30.89 -15.76 19.34
C GLU B 60 31.33 -17.13 18.79
N GLU B 61 30.44 -17.82 18.06
CA GLU B 61 30.87 -19.02 17.32
C GLU B 61 31.83 -18.68 16.18
N TYR B 62 31.81 -17.43 15.74
CA TYR B 62 32.53 -17.00 14.55
C TYR B 62 33.55 -15.91 14.79
N LEU B 63 33.38 -15.14 15.86
CA LEU B 63 34.14 -13.93 16.07
C LEU B 63 34.37 -13.63 17.55
N SER B 64 35.37 -12.83 17.87
CA SER B 64 35.52 -12.37 19.25
C SER B 64 34.35 -11.43 19.46
N ALA B 65 33.98 -11.24 20.72
CA ALA B 65 32.91 -10.29 21.03
C ALA B 65 33.39 -8.87 20.75
N LYS B 66 34.70 -8.65 20.80
CA LYS B 66 35.29 -7.34 20.52
C LYS B 66 35.30 -7.01 19.01
N GLU B 67 35.73 -7.97 18.17
CA GLU B 67 35.67 -7.81 16.70
C GLU B 67 34.22 -7.59 16.24
N ALA B 68 33.29 -8.25 16.93
CA ALA B 68 31.89 -8.33 16.54
C ALA B 68 31.09 -7.10 16.89
N ARG B 69 31.43 -6.45 17.99
CA ARG B 69 30.56 -5.44 18.56
C ARG B 69 30.41 -4.25 17.64
N LYS B 70 31.45 -4.01 16.83
CA LYS B 70 31.48 -2.91 15.85
C LYS B 70 30.57 -3.16 14.62
N LEU B 71 30.45 -4.43 14.24
CA LEU B 71 29.83 -4.81 12.98
C LEU B 71 28.31 -4.87 13.16
N ASP B 72 27.59 -4.19 12.26
CA ASP B 72 26.14 -4.35 12.15
C ASP B 72 25.75 -5.84 12.02
N LEU B 73 24.54 -6.15 12.45
CA LEU B 73 24.02 -7.50 12.34
C LEU B 73 24.07 -8.07 10.93
N PHE B 74 23.86 -7.24 9.90
CA PHE B 74 23.88 -7.75 8.53
C PHE B 74 25.24 -8.31 8.21
N ILE B 75 26.27 -7.63 8.71
CA ILE B 75 27.63 -8.12 8.56
C ILE B 75 27.86 -9.41 9.37
N GLN B 76 27.49 -9.40 10.63
CA GLN B 76 27.65 -10.60 11.43
C GLN B 76 27.03 -11.82 10.76
N TYR B 77 25.80 -11.66 10.27
CA TYR B 77 25.09 -12.76 9.63
C TYR B 77 25.82 -13.16 8.37
N GLY B 78 26.33 -12.15 7.66
CA GLY B 78 27.02 -12.42 6.41
C GLY B 78 28.29 -13.22 6.61
N LEU B 79 29.00 -12.94 7.69
CA LEU B 79 30.22 -13.67 7.97
C LEU B 79 29.87 -15.08 8.43
N ALA B 80 28.90 -15.18 9.33
CA ALA B 80 28.43 -16.49 9.80
C ALA B 80 28.23 -17.45 8.67
N ALA B 81 27.47 -17.01 7.65
CA ALA B 81 27.12 -17.87 6.54
C ALA B 81 28.32 -18.16 5.65
N SER B 82 29.22 -17.20 5.59
CA SER B 82 30.44 -17.34 4.79
C SER B 82 31.38 -18.32 5.45
N PHE B 83 31.55 -18.17 6.75
CA PHE B 83 32.42 -19.10 7.48
C PHE B 83 31.89 -20.50 7.36
N GLN B 84 30.56 -20.66 7.53
CA GLN B 84 29.91 -21.98 7.44
C GLN B 84 30.20 -22.62 6.12
N ALA B 85 30.02 -21.84 5.06
CA ALA B 85 30.18 -22.34 3.70
C ALA B 85 31.59 -22.80 3.37
N VAL B 86 32.59 -22.08 3.88
CA VAL B 86 34.01 -22.37 3.61
C VAL B 86 34.37 -23.66 4.33
N ARG B 87 33.95 -23.75 5.58
CA ARG B 87 34.06 -24.97 6.38
C ARG B 87 33.51 -26.17 5.66
N ASP B 88 32.28 -26.03 5.18
CA ASP B 88 31.55 -27.09 4.49
C ASP B 88 32.23 -27.52 3.21
N SER B 89 32.84 -26.56 2.50
CA SER B 89 33.59 -26.86 1.27
C SER B 89 34.78 -27.75 1.49
N GLY B 90 35.38 -27.72 2.70
CA GLY B 90 36.62 -28.45 2.96
C GLY B 90 37.88 -27.75 2.46
N LEU B 91 37.73 -26.69 1.66
CA LEU B 91 38.90 -25.99 1.10
C LEU B 91 39.85 -25.49 2.17
N GLU B 92 41.13 -25.77 1.99
CA GLU B 92 42.20 -25.21 2.83
C GLU B 92 42.86 -24.07 2.08
N VAL B 93 42.86 -22.88 2.69
CA VAL B 93 43.47 -21.69 2.12
C VAL B 93 44.96 -21.66 2.41
N THR B 94 45.78 -21.65 1.36
CA THR B 94 47.24 -21.55 1.50
C THR B 94 47.78 -20.46 0.60
N ASP B 95 49.06 -20.16 0.78
CA ASP B 95 49.73 -19.16 -0.06
C ASP B 95 49.69 -19.53 -1.54
N ALA B 96 49.60 -20.82 -1.89
CA ALA B 96 49.51 -21.16 -3.32
C ALA B 96 48.13 -21.00 -3.90
N ASN B 97 47.11 -20.76 -3.09
CA ASN B 97 45.76 -20.52 -3.65
C ASN B 97 45.03 -19.24 -3.20
N ARG B 98 45.53 -18.53 -2.18
CA ARG B 98 44.78 -17.43 -1.60
C ARG B 98 44.49 -16.26 -2.57
N GLU B 99 45.24 -16.14 -3.66
CA GLU B 99 45.00 -15.07 -4.64
C GLU B 99 43.93 -15.44 -5.66
N ARG B 100 43.45 -16.67 -5.58
CA ARG B 100 42.50 -17.18 -6.56
C ARG B 100 41.15 -17.41 -5.89
N ILE B 101 41.08 -17.08 -4.62
CA ILE B 101 39.90 -17.20 -3.82
C ILE B 101 39.46 -15.80 -3.45
N GLY B 102 38.26 -15.44 -3.92
CA GLY B 102 37.67 -14.12 -3.68
C GLY B 102 36.33 -14.20 -2.98
N VAL B 103 35.67 -13.03 -2.87
CA VAL B 103 34.42 -12.93 -2.14
C VAL B 103 33.49 -11.88 -2.72
N SER B 104 32.20 -12.22 -2.73
CA SER B 104 31.14 -11.32 -3.18
C SER B 104 29.88 -11.62 -2.39
N MET B 105 29.82 -11.11 -1.19
CA MET B 105 28.62 -11.08 -0.41
C MET B 105 28.07 -9.67 -0.48
N GLY B 106 26.75 -9.58 -0.68
CA GLY B 106 26.06 -8.31 -0.83
C GLY B 106 24.90 -8.16 0.15
N SER B 107 24.24 -7.01 0.05
CA SER B 107 23.10 -6.70 0.85
C SER B 107 22.24 -5.67 0.15
N GLY B 108 20.92 -5.69 0.42
CA GLY B 108 20.00 -4.79 -0.27
C GLY B 108 20.04 -3.39 0.34
N ILE B 109 19.97 -3.37 1.66
CA ILE B 109 19.88 -2.15 2.45
C ILE B 109 21.09 -1.98 3.39
N GLY B 110 21.72 -3.08 3.77
CA GLY B 110 22.90 -3.04 4.63
C GLY B 110 22.61 -2.60 6.03
N GLY B 111 23.41 -1.65 6.52
CA GLY B 111 23.57 -1.47 7.97
C GLY B 111 22.60 -0.50 8.58
N LEU B 112 21.33 -0.70 8.26
CA LEU B 112 20.30 0.23 8.77
C LEU B 112 20.35 0.39 10.30
N THR B 113 20.59 -0.69 11.04
CA THR B 113 20.49 -0.60 12.51
C THR B 113 21.59 0.26 13.13
N ASN B 114 22.82 0.06 12.65
CA ASN B 114 23.94 0.91 13.03
C ASN B 114 23.67 2.36 12.75
N ILE B 115 23.13 2.62 11.57
CA ILE B 115 22.93 3.99 11.12
C ILE B 115 21.95 4.70 12.05
N GLU B 116 20.84 4.04 12.38
CA GLU B 116 19.88 4.52 13.38
C GLU B 116 20.51 4.82 14.71
N ASN B 117 21.29 3.88 15.23
CA ASN B 117 21.98 4.12 16.48
C ASN B 117 22.92 5.30 16.37
N ASN B 118 23.74 5.36 15.32
CA ASN B 118 24.64 6.49 15.22
C ASN B 118 23.87 7.82 15.02
N CYS B 119 22.83 7.82 14.19
CA CYS B 119 21.84 8.90 14.19
C CYS B 119 21.36 9.37 15.55
N ARG B 120 20.96 8.43 16.41
CA ARG B 120 20.55 8.84 17.74
C ARG B 120 21.68 9.57 18.48
N SER B 121 22.89 9.03 18.39
CA SER B 121 24.05 9.65 19.00
C SER B 121 24.29 11.05 18.43
N LEU B 122 24.19 11.17 17.11
CA LEU B 122 24.42 12.44 16.42
C LEU B 122 23.41 13.50 16.87
N PHE B 123 22.13 13.15 16.90
CA PHE B 123 21.10 14.16 17.16
C PHE B 123 21.14 14.63 18.62
N GLU B 124 21.22 13.65 19.52
CA GLU B 124 21.17 13.89 20.94
C GLU B 124 22.47 14.45 21.51
N GLN B 125 23.60 13.98 20.98
CA GLN B 125 24.90 14.30 21.55
C GLN B 125 25.96 14.80 20.54
N GLY B 126 25.55 15.21 19.34
CA GLY B 126 26.49 15.77 18.36
C GLY B 126 27.43 14.74 17.72
N PRO B 127 28.24 15.18 16.73
CA PRO B 127 29.07 14.33 15.87
C PRO B 127 30.21 13.56 16.55
N ARG B 128 30.71 14.04 17.68
CA ARG B 128 31.81 13.35 18.33
C ARG B 128 31.36 12.09 19.10
N ARG B 129 30.04 11.91 19.29
CA ARG B 129 29.51 10.70 19.90
C ARG B 129 29.46 9.54 18.89
N ILE B 130 29.68 9.85 17.61
CA ILE B 130 29.65 8.83 16.54
C ILE B 130 30.87 7.92 16.66
N SER B 131 30.64 6.62 16.54
CA SER B 131 31.71 5.61 16.59
C SER B 131 32.75 5.78 15.48
N PRO B 132 34.03 5.66 15.82
CA PRO B 132 35.08 5.63 14.80
C PRO B 132 34.99 4.42 13.88
N PHE B 133 34.26 3.40 14.30
CA PHE B 133 34.07 2.20 13.48
C PHE B 133 32.75 2.23 12.73
N PHE B 134 32.09 3.40 12.71
CA PHE B 134 30.77 3.52 12.11
C PHE B 134 30.79 3.14 10.63
N VAL B 135 31.67 3.78 9.87
CA VAL B 135 31.75 3.58 8.44
C VAL B 135 32.18 2.15 8.10
N PRO B 136 33.33 1.69 8.63
CA PRO B 136 33.66 0.31 8.31
C PRO B 136 32.66 -0.76 8.87
N GLY B 137 32.01 -0.50 9.99
CA GLY B 137 31.07 -1.52 10.56
C GLY B 137 29.66 -1.56 9.99
N SER B 138 29.40 -0.76 8.95
CA SER B 138 28.03 -0.48 8.49
C SER B 138 27.87 -0.50 6.98
N ILE B 139 28.95 -0.43 6.24
CA ILE B 139 28.83 -0.34 4.79
C ILE B 139 28.78 -1.72 4.17
N ILE B 140 28.15 -1.83 3.01
CA ILE B 140 27.85 -3.14 2.44
C ILE B 140 29.07 -3.98 2.02
N ASN B 141 30.18 -3.35 1.59
CA ASN B 141 31.34 -4.15 1.13
C ASN B 141 32.11 -4.83 2.27
N MET B 142 31.83 -4.46 3.52
CA MET B 142 32.61 -4.99 4.62
C MET B 142 32.37 -6.47 4.99
N VAL B 143 31.32 -7.13 4.51
CA VAL B 143 31.25 -8.58 4.67
C VAL B 143 32.38 -9.23 3.85
N SER B 144 32.43 -8.92 2.55
CA SER B 144 33.53 -9.32 1.71
C SER B 144 34.88 -8.84 2.31
N GLY B 145 34.88 -7.63 2.86
CA GLY B 145 36.07 -7.07 3.45
C GLY B 145 36.54 -7.87 4.65
N PHE B 146 35.73 -7.92 5.71
CA PHE B 146 36.13 -8.68 6.86
C PHE B 146 36.33 -10.16 6.62
N LEU B 147 35.62 -10.78 5.68
CA LEU B 147 35.89 -12.18 5.41
C LEU B 147 37.28 -12.36 4.81
N SER B 148 37.66 -11.50 3.87
CA SER B 148 38.99 -11.63 3.25
C SER B 148 40.09 -11.57 4.29
N ILE B 149 39.92 -10.64 5.20
CA ILE B 149 40.85 -10.38 6.27
C ILE B 149 40.92 -11.62 7.17
N HIS B 150 39.80 -12.11 7.66
CA HIS B 150 39.83 -13.25 8.55
C HIS B 150 40.41 -14.50 7.96
N LEU B 151 40.09 -14.81 6.73
CA LEU B 151 40.57 -16.06 6.11
C LEU B 151 41.72 -15.84 5.13
N GLY B 152 42.16 -14.60 4.93
CA GLY B 152 43.35 -14.34 4.10
C GLY B 152 43.06 -14.50 2.61
N LEU B 153 41.83 -14.15 2.19
CA LEU B 153 41.41 -14.33 0.80
C LEU B 153 41.82 -13.12 0.00
N GLN B 154 42.58 -13.35 -1.07
CA GLN B 154 43.17 -12.23 -1.81
C GLN B 154 42.64 -12.07 -3.21
N GLY B 155 41.66 -12.88 -3.61
CA GLY B 155 41.07 -12.78 -4.94
C GLY B 155 40.08 -11.62 -5.06
N PRO B 156 39.36 -11.53 -6.18
CA PRO B 156 38.34 -10.49 -6.38
C PRO B 156 37.48 -10.21 -5.15
N ASN B 157 37.41 -8.95 -4.73
CA ASN B 157 36.72 -8.61 -3.49
C ASN B 157 35.70 -7.51 -3.70
N TYR B 158 34.44 -7.87 -3.78
CA TYR B 158 33.44 -6.85 -4.04
C TYR B 158 32.12 -7.16 -3.37
N ALA B 159 31.13 -6.37 -3.67
CA ALA B 159 29.83 -6.58 -3.12
C ALA B 159 28.87 -5.87 -4.07
N LEU B 160 27.77 -6.57 -4.35
CA LEU B 160 26.62 -6.03 -5.06
C LEU B 160 25.53 -5.60 -4.08
N THR B 161 24.74 -4.60 -4.50
CA THR B 161 23.56 -4.18 -3.78
C THR B 161 22.47 -3.91 -4.83
N THR B 162 21.59 -4.90 -5.02
CA THR B 162 20.50 -4.80 -6.02
C THR B 162 19.16 -5.13 -5.39
N ALA B 163 18.95 -4.47 -4.26
CA ALA B 163 17.74 -4.59 -3.49
C ALA B 163 17.42 -6.09 -3.28
N GLN B 164 16.21 -6.52 -3.66
CA GLN B 164 15.76 -7.87 -3.41
C GLN B 164 16.37 -8.91 -4.35
N THR B 165 17.25 -8.49 -5.24
CA THR B 165 17.88 -9.39 -6.22
C THR B 165 19.32 -9.64 -5.82
N THR B 166 19.79 -8.95 -4.79
CA THR B 166 21.21 -8.95 -4.44
C THR B 166 21.80 -10.37 -4.37
N GLY B 167 21.19 -11.23 -3.58
CA GLY B 167 21.76 -12.59 -3.40
C GLY B 167 21.95 -13.34 -4.70
N THR B 168 21.01 -13.17 -5.61
CA THR B 168 21.08 -13.80 -6.91
C THR B 168 22.16 -13.25 -7.83
N HIS B 169 22.25 -11.94 -7.91
CA HIS B 169 23.32 -11.30 -8.70
C HIS B 169 24.72 -11.61 -8.15
N SER B 170 24.83 -11.55 -6.82
CA SER B 170 26.08 -11.83 -6.17
C SER B 170 26.60 -13.19 -6.58
N ILE B 171 25.75 -14.19 -6.56
CA ILE B 171 26.16 -15.53 -6.91
C ILE B 171 26.46 -15.62 -8.40
N GLY B 172 25.61 -15.00 -9.21
CA GLY B 172 25.81 -15.01 -10.68
C GLY B 172 27.15 -14.44 -11.11
N MET B 173 27.47 -13.27 -10.62
CA MET B 173 28.67 -12.58 -11.08
C MET B 173 29.92 -13.19 -10.48
N ALA B 174 29.81 -13.71 -9.26
CA ALA B 174 30.87 -14.54 -8.73
C ALA B 174 31.18 -15.70 -9.69
N ALA B 175 30.15 -16.32 -10.26
CA ALA B 175 30.40 -17.44 -11.17
C ALA B 175 31.07 -16.93 -12.46
N ARG B 176 30.64 -15.76 -12.93
CA ARG B 176 31.33 -15.13 -14.04
C ARG B 176 32.83 -14.97 -13.75
N ASN B 177 33.20 -14.57 -12.53
CA ASN B 177 34.63 -14.38 -12.24
C ASN B 177 35.38 -15.66 -12.50
N ILE B 178 34.81 -16.75 -12.02
CA ILE B 178 35.42 -18.01 -12.08
C ILE B 178 35.52 -18.48 -13.53
N ALA B 179 34.44 -18.34 -14.28
CA ALA B 179 34.47 -18.70 -15.69
C ALA B 179 35.46 -17.88 -16.49
N TYR B 180 35.67 -16.64 -16.06
CA TYR B 180 36.51 -15.71 -16.82
C TYR B 180 37.98 -15.93 -16.56
N GLY B 181 38.37 -16.65 -15.51
CA GLY B 181 39.76 -16.90 -15.21
C GLY B 181 40.34 -16.05 -14.07
N GLU B 182 39.55 -15.08 -13.58
CA GLU B 182 39.88 -14.18 -12.45
C GLU B 182 39.92 -14.86 -11.10
N ALA B 183 39.32 -16.05 -10.99
CA ALA B 183 39.43 -16.77 -9.71
C ALA B 183 39.13 -18.21 -9.93
N ASP B 184 39.53 -19.03 -8.95
CA ASP B 184 39.22 -20.47 -8.97
C ASP B 184 38.07 -20.75 -8.01
N VAL B 185 37.92 -19.90 -7.00
CA VAL B 185 36.94 -20.12 -5.97
C VAL B 185 36.39 -18.77 -5.51
N MET B 186 35.08 -18.67 -5.29
CA MET B 186 34.50 -17.48 -4.67
C MET B 186 33.45 -17.84 -3.63
N VAL B 187 33.42 -17.03 -2.58
CA VAL B 187 32.32 -17.08 -1.64
C VAL B 187 31.35 -15.99 -2.02
N ALA B 188 30.16 -16.41 -2.41
CA ALA B 188 29.15 -15.49 -2.91
C ALA B 188 27.83 -15.78 -2.25
N GLY B 189 27.05 -14.70 -2.10
CA GLY B 189 25.80 -14.73 -1.38
C GLY B 189 25.34 -13.37 -0.95
N GLY B 190 24.59 -13.36 0.14
CA GLY B 190 24.00 -12.14 0.64
C GLY B 190 23.53 -12.24 2.07
N SER B 191 23.31 -11.09 2.69
CA SER B 191 22.85 -11.01 4.08
C SER B 191 21.98 -9.77 4.31
N GLU B 192 21.05 -9.90 5.23
CA GLU B 192 20.17 -8.78 5.49
C GLU B 192 19.63 -8.78 6.94
N MET B 193 19.45 -7.59 7.46
CA MET B 193 18.74 -7.38 8.69
C MET B 193 18.16 -5.98 8.71
N ALA B 194 16.98 -5.84 8.12
CA ALA B 194 16.31 -4.57 8.02
C ALA B 194 15.20 -4.46 9.07
N ALA B 195 15.20 -5.35 10.07
CA ALA B 195 14.15 -5.35 11.11
C ALA B 195 14.49 -4.35 12.21
N CYS B 196 14.31 -3.09 11.88
CA CYS B 196 14.45 -1.96 12.76
C CYS B 196 13.35 -0.96 12.35
N GLY B 197 13.08 0.05 13.19
CA GLY B 197 12.14 1.13 12.87
C GLY B 197 12.16 1.65 11.43
N LEU B 198 13.35 1.98 10.92
CA LEU B 198 13.49 2.45 9.54
C LEU B 198 13.01 1.49 8.48
N GLY B 199 13.27 0.19 8.64
CA GLY B 199 12.91 -0.80 7.62
C GLY B 199 11.45 -1.22 7.65
N LEU B 200 10.96 -1.60 8.83
CA LEU B 200 9.53 -1.92 9.01
C LEU B 200 8.66 -0.72 8.71
N GLY B 201 9.06 0.42 9.29
CA GLY B 201 8.45 1.71 8.99
C GLY B 201 8.53 2.12 7.54
N GLY B 202 9.67 1.87 6.90
CA GLY B 202 9.83 2.18 5.50
C GLY B 202 8.92 1.36 4.59
N PHE B 203 8.86 0.06 4.84
CA PHE B 203 8.03 -0.85 4.04
C PHE B 203 6.56 -0.75 4.44
N GLY B 204 6.30 -0.51 5.72
CA GLY B 204 4.93 -0.21 6.19
C GLY B 204 4.43 1.07 5.54
N ALA B 205 5.28 2.10 5.52
CA ALA B 205 4.88 3.37 4.92
C ALA B 205 4.45 3.17 3.46
N ALA B 206 5.13 2.29 2.72
CA ALA B 206 4.74 1.98 1.32
C ALA B 206 3.59 0.96 1.22
N ARG B 207 3.07 0.48 2.34
CA ARG B 207 1.99 -0.50 2.35
C ARG B 207 2.38 -1.80 1.70
N ALA B 208 3.66 -2.13 1.75
CA ALA B 208 4.20 -3.27 1.02
C ALA B 208 4.07 -4.53 1.87
N LEU B 209 4.05 -4.39 3.19
CA LEU B 209 3.99 -5.55 4.12
C LEU B 209 2.59 -6.14 4.41
N SER B 210 2.56 -7.44 4.64
CA SER B 210 1.39 -8.11 5.14
C SER B 210 1.12 -7.56 6.50
N THR B 211 -0.16 -7.50 6.86
CA THR B 211 -0.57 -7.00 8.15
C THR B 211 -1.41 -8.01 8.93
N ARG B 212 -1.23 -9.30 8.69
CA ARG B 212 -2.00 -10.36 9.36
C ARG B 212 -1.35 -10.68 10.69
N ASN B 213 -1.41 -9.75 11.62
CA ASN B 213 -0.79 -9.94 12.91
C ASN B 213 -1.34 -11.09 13.76
N ASP B 214 -2.63 -11.35 13.59
CA ASP B 214 -3.32 -12.41 14.32
C ASP B 214 -2.86 -13.84 13.98
N GLU B 215 -2.29 -14.06 12.80
CA GLU B 215 -1.76 -15.38 12.42
C GLU B 215 -0.51 -15.23 11.54
N PRO B 216 0.62 -14.90 12.17
CA PRO B 216 1.82 -14.64 11.40
C PRO B 216 2.27 -15.80 10.50
N THR B 217 2.05 -17.04 10.94
CA THR B 217 2.52 -18.22 10.18
C THR B 217 1.80 -18.37 8.84
N ARG B 218 0.62 -17.77 8.74
CA ARG B 218 -0.20 -17.78 7.55
C ARG B 218 -0.12 -16.48 6.70
N ALA B 219 0.66 -15.49 7.13
CA ALA B 219 0.70 -14.21 6.43
C ALA B 219 1.30 -14.36 5.00
N SER B 220 2.46 -15.03 4.92
CA SER B 220 3.15 -15.22 3.64
C SER B 220 2.43 -16.31 2.89
N ARG B 221 1.68 -15.95 1.87
CA ARG B 221 0.89 -16.94 1.16
C ARG B 221 0.99 -16.74 -0.36
N PRO B 222 2.10 -17.16 -0.93
CA PRO B 222 2.29 -16.81 -2.35
C PRO B 222 1.25 -17.41 -3.29
N TRP B 223 0.73 -16.58 -4.19
CA TRP B 223 -0.30 -16.97 -5.17
C TRP B 223 -1.67 -17.21 -4.56
N ASP B 224 -1.84 -17.00 -3.26
CA ASP B 224 -3.16 -17.18 -2.63
C ASP B 224 -3.94 -15.87 -2.80
N ARG B 225 -5.23 -15.99 -3.08
CA ARG B 225 -6.10 -14.83 -3.35
C ARG B 225 -6.24 -13.87 -2.18
N ASP B 226 -5.93 -14.33 -0.97
CA ASP B 226 -5.99 -13.44 0.18
C ASP B 226 -4.61 -12.95 0.65
N ARG B 227 -3.59 -13.06 -0.20
CA ARG B 227 -2.31 -12.44 0.10
C ARG B 227 -2.42 -10.91 0.25
N ASP B 228 -1.57 -10.32 1.09
CA ASP B 228 -1.63 -8.88 1.38
C ASP B 228 -0.27 -8.23 1.61
N GLY B 229 0.74 -8.72 0.90
CA GLY B 229 2.08 -8.13 0.98
C GLY B 229 3.08 -9.10 1.53
N PHE B 230 4.34 -8.71 1.51
CA PHE B 230 5.41 -9.62 1.88
C PHE B 230 5.65 -9.58 3.38
N VAL B 231 6.37 -10.59 3.86
CA VAL B 231 6.73 -10.75 5.24
C VAL B 231 8.24 -10.54 5.35
N LEU B 232 8.66 -9.60 6.20
CA LEU B 232 10.09 -9.22 6.28
C LEU B 232 10.87 -10.20 7.12
N SER B 233 11.95 -10.73 6.56
CA SER B 233 12.76 -11.73 7.25
C SER B 233 14.23 -11.35 7.24
N ASP B 234 14.98 -11.95 8.15
CA ASP B 234 16.39 -11.64 8.38
C ASP B 234 17.24 -12.87 8.10
N GLY B 235 18.48 -12.65 7.72
CA GLY B 235 19.45 -13.74 7.66
C GLY B 235 20.49 -13.59 6.58
N SER B 236 20.99 -14.71 6.11
CA SER B 236 22.08 -14.73 5.17
C SER B 236 22.24 -16.10 4.53
N GLY B 237 22.83 -16.12 3.35
CA GLY B 237 23.19 -17.35 2.70
C GLY B 237 24.49 -17.12 1.96
N ALA B 238 25.35 -18.13 1.94
CA ALA B 238 26.57 -18.05 1.12
C ALA B 238 26.91 -19.38 0.55
N LEU B 239 27.52 -19.35 -0.64
CA LEU B 239 27.94 -20.54 -1.31
C LEU B 239 29.41 -20.40 -1.63
N VAL B 240 30.09 -21.53 -1.66
CA VAL B 240 31.42 -21.58 -2.24
C VAL B 240 31.25 -22.08 -3.67
N LEU B 241 31.55 -21.24 -4.66
CA LEU B 241 31.57 -21.71 -6.00
C LEU B 241 33.02 -21.95 -6.35
N GLU B 242 33.24 -22.84 -7.31
CA GLU B 242 34.57 -23.37 -7.57
C GLU B 242 34.71 -23.94 -8.98
N GLU B 243 35.86 -23.72 -9.62
CA GLU B 243 36.08 -24.25 -10.95
C GLU B 243 36.12 -25.79 -10.88
N LEU B 244 35.60 -26.43 -11.89
CA LEU B 244 35.35 -27.87 -11.84
C LEU B 244 36.62 -28.66 -11.58
N GLU B 245 37.65 -28.46 -12.41
CA GLU B 245 38.91 -29.20 -12.22
C GLU B 245 39.55 -28.89 -10.91
N HIS B 246 39.45 -27.63 -10.47
CA HIS B 246 39.99 -27.25 -9.16
C HIS B 246 39.27 -28.03 -8.06
N ALA B 247 37.96 -28.26 -8.23
CA ALA B 247 37.22 -29.06 -7.26
C ALA B 247 37.61 -30.55 -7.38
N ARG B 248 37.61 -31.07 -8.61
CA ARG B 248 38.02 -32.47 -8.83
C ARG B 248 39.40 -32.68 -8.24
N ALA B 249 40.29 -31.74 -8.57
CA ALA B 249 41.69 -31.79 -8.15
C ALA B 249 41.85 -32.14 -6.69
N ARG B 250 41.10 -31.52 -5.79
CA ARG B 250 41.28 -31.80 -4.37
C ARG B 250 40.26 -32.75 -3.80
N GLY B 251 39.51 -33.44 -4.67
CA GLY B 251 38.49 -34.37 -4.24
C GLY B 251 37.41 -33.71 -3.40
N ALA B 252 36.86 -32.61 -3.89
CA ALA B 252 35.75 -31.97 -3.20
C ALA B 252 34.41 -32.69 -3.44
N ARG B 253 33.50 -32.57 -2.47
CA ARG B 253 32.12 -33.00 -2.66
C ARG B 253 31.41 -31.85 -3.37
N ILE B 254 30.80 -32.18 -4.50
CA ILE B 254 30.11 -31.23 -5.35
C ILE B 254 28.62 -31.47 -5.19
N TYR B 255 27.91 -30.47 -4.67
CA TYR B 255 26.45 -30.54 -4.57
C TYR B 255 25.76 -30.46 -5.93
N ALA B 256 26.32 -29.64 -6.82
CA ALA B 256 25.67 -29.32 -8.08
C ALA B 256 26.51 -28.37 -8.92
N GLU B 257 26.08 -28.21 -10.16
CA GLU B 257 26.70 -27.31 -11.07
C GLU B 257 25.84 -26.07 -11.34
N LEU B 258 26.46 -24.90 -11.20
CA LEU B 258 25.90 -23.62 -11.62
C LEU B 258 26.18 -23.44 -13.09
N VAL B 259 25.13 -23.49 -13.89
CA VAL B 259 25.27 -23.50 -15.34
C VAL B 259 24.75 -22.27 -16.04
N GLY B 260 23.94 -21.45 -15.39
CA GLY B 260 23.36 -20.32 -16.08
C GLY B 260 23.13 -19.12 -15.19
N PHE B 261 23.36 -17.94 -15.73
CA PHE B 261 22.98 -16.72 -15.06
C PHE B 261 22.37 -15.75 -16.08
N GLY B 262 21.19 -15.23 -15.80
CA GLY B 262 20.62 -14.18 -16.62
C GLY B 262 20.16 -12.97 -15.80
N MET B 263 20.12 -11.79 -16.47
CA MET B 263 19.71 -10.52 -15.92
C MET B 263 18.82 -9.77 -16.92
N SER B 264 17.98 -8.88 -16.40
CA SER B 264 17.16 -8.01 -17.21
C SER B 264 16.67 -6.86 -16.35
N GLY B 265 16.25 -5.80 -16.98
CA GLY B 265 15.53 -4.74 -16.28
C GLY B 265 14.13 -4.65 -16.91
N ASP B 266 13.11 -4.52 -16.08
CA ASP B 266 11.74 -4.19 -16.55
C ASP B 266 11.68 -2.84 -17.29
N ALA B 267 12.44 -1.85 -16.84
CA ALA B 267 12.32 -0.48 -17.31
C ALA B 267 10.87 -0.06 -17.34
N PHE B 268 10.19 -0.23 -16.19
CA PHE B 268 8.73 -0.08 -16.08
C PHE B 268 8.31 0.74 -14.85
N HIS B 269 8.61 0.24 -13.65
CA HIS B 269 8.24 0.92 -12.38
C HIS B 269 9.24 0.67 -11.28
N MET B 270 9.34 1.64 -10.36
CA MET B 270 10.30 1.64 -9.23
C MET B 270 10.11 0.48 -8.24
N THR B 271 8.86 0.01 -8.12
CA THR B 271 8.49 -1.08 -7.21
C THR B 271 7.58 -2.13 -7.80
N ALA B 272 6.70 -1.73 -8.70
CA ALA B 272 5.75 -2.68 -9.28
C ALA B 272 6.31 -3.25 -10.58
N PRO B 273 6.10 -4.55 -10.81
CA PRO B 273 6.48 -5.14 -12.06
C PRO B 273 5.31 -5.08 -13.03
N PRO B 274 5.61 -5.18 -14.33
CA PRO B 274 4.56 -5.31 -15.36
C PRO B 274 3.72 -6.53 -15.06
N GLU B 275 2.40 -6.46 -15.23
CA GLU B 275 1.53 -7.57 -14.84
C GLU B 275 1.69 -8.78 -15.73
N ASP B 276 2.31 -8.62 -16.90
CA ASP B 276 2.69 -9.78 -17.72
C ASP B 276 4.11 -10.35 -17.50
N GLY B 277 4.84 -9.80 -16.54
CA GLY B 277 6.21 -10.23 -16.26
C GLY B 277 7.13 -10.37 -17.48
N ALA B 278 7.13 -9.39 -18.35
CA ALA B 278 7.88 -9.47 -19.60
C ALA B 278 9.37 -9.37 -19.34
N GLY B 279 9.75 -8.59 -18.34
CA GLY B 279 11.16 -8.54 -17.89
C GLY B 279 11.65 -9.83 -17.27
N ALA B 280 10.90 -10.36 -16.33
CA ALA B 280 11.23 -11.65 -15.72
C ALA B 280 11.31 -12.76 -16.75
N ALA B 281 10.45 -12.71 -17.76
CA ALA B 281 10.50 -13.64 -18.88
C ALA B 281 11.80 -13.50 -19.66
N ARG B 282 12.22 -12.24 -19.92
CA ARG B 282 13.49 -12.01 -20.65
C ARG B 282 14.69 -12.59 -19.88
N CYS B 283 14.65 -12.43 -18.56
CA CYS B 283 15.76 -12.80 -17.71
C CYS B 283 15.83 -14.31 -17.61
N MET B 284 14.70 -14.94 -17.38
CA MET B 284 14.67 -16.41 -17.44
C MET B 284 15.21 -16.93 -18.78
N LYS B 285 14.82 -16.33 -19.91
CA LYS B 285 15.32 -16.78 -21.21
C LYS B 285 16.82 -16.64 -21.31
N ASN B 286 17.33 -15.47 -20.91
CA ASN B 286 18.77 -15.21 -20.94
C ASN B 286 19.56 -16.21 -20.15
N ALA B 287 19.13 -16.48 -18.92
CA ALA B 287 19.76 -17.52 -18.08
C ALA B 287 19.74 -18.88 -18.73
N LEU B 288 18.63 -19.23 -19.36
CA LEU B 288 18.53 -20.54 -20.01
C LEU B 288 19.45 -20.60 -21.23
N ARG B 289 19.60 -19.49 -21.96
CA ARG B 289 20.45 -19.56 -23.14
C ARG B 289 21.89 -19.61 -22.69
N ASP B 290 22.21 -18.87 -21.64
CA ASP B 290 23.49 -18.96 -20.95
C ASP B 290 23.83 -20.38 -20.55
N ALA B 291 22.83 -21.13 -20.13
CA ALA B 291 23.08 -22.49 -19.68
C ALA B 291 23.10 -23.47 -20.81
N GLY B 292 22.84 -23.01 -22.04
CA GLY B 292 22.72 -23.90 -23.18
C GLY B 292 21.48 -24.79 -23.09
N LEU B 293 20.45 -24.29 -22.42
CA LEU B 293 19.24 -25.12 -22.22
C LEU B 293 17.97 -24.61 -22.88
N ASP B 294 17.14 -25.57 -23.30
CA ASP B 294 15.75 -25.36 -23.73
C ASP B 294 14.84 -25.43 -22.51
N PRO B 295 13.77 -24.62 -22.47
CA PRO B 295 12.77 -24.63 -21.38
C PRO B 295 12.26 -26.00 -20.92
N ARG B 296 12.12 -26.97 -21.82
CA ARG B 296 11.62 -28.30 -21.44
C ARG B 296 12.59 -29.05 -20.54
N GLN B 297 13.79 -28.53 -20.38
CA GLN B 297 14.77 -29.19 -19.56
C GLN B 297 14.69 -28.76 -18.09
N VAL B 298 13.92 -27.72 -17.82
CA VAL B 298 13.67 -27.27 -16.48
C VAL B 298 12.66 -28.19 -15.80
N ASP B 299 12.97 -28.58 -14.57
CA ASP B 299 12.13 -29.45 -13.75
C ASP B 299 11.58 -28.71 -12.55
N TYR B 300 12.37 -27.83 -11.93
CA TYR B 300 11.96 -27.10 -10.72
C TYR B 300 12.31 -25.60 -10.80
N ILE B 301 11.38 -24.75 -10.38
CA ILE B 301 11.63 -23.33 -10.22
C ILE B 301 11.36 -22.91 -8.79
N ASN B 302 12.37 -22.39 -8.13
CA ASN B 302 12.19 -21.71 -6.87
C ASN B 302 11.91 -20.29 -7.19
N ALA B 303 10.63 -19.92 -7.07
CA ALA B 303 10.15 -18.61 -7.48
C ALA B 303 10.62 -17.53 -6.54
N HIS B 304 10.56 -16.29 -7.02
CA HIS B 304 10.67 -15.13 -6.13
C HIS B 304 9.49 -15.09 -5.15
N GLY B 305 8.28 -15.22 -5.68
CA GLY B 305 7.13 -15.57 -4.91
C GLY B 305 7.07 -14.87 -3.56
N THR B 306 6.95 -13.53 -3.58
CA THR B 306 7.00 -12.69 -2.41
C THR B 306 5.70 -12.55 -1.62
N SER B 307 4.59 -12.99 -2.20
CA SER B 307 3.23 -12.84 -1.62
C SER B 307 2.63 -11.43 -1.79
N THR B 308 3.04 -10.69 -2.82
CA THR B 308 2.41 -9.39 -3.17
C THR B 308 1.37 -9.61 -4.28
N PRO B 309 0.31 -8.80 -4.30
CA PRO B 309 -0.69 -9.09 -5.35
C PRO B 309 -0.10 -9.05 -6.76
N ALA B 310 0.56 -7.94 -7.08
CA ALA B 310 1.09 -7.70 -8.43
C ALA B 310 2.26 -8.62 -8.77
N GLY B 311 3.23 -8.72 -7.88
CA GLY B 311 4.42 -9.55 -8.08
C GLY B 311 4.14 -11.04 -8.38
N ASP B 312 3.29 -11.68 -7.58
CA ASP B 312 3.07 -13.12 -7.74
C ASP B 312 2.45 -13.44 -9.09
N ILE B 313 1.49 -12.64 -9.49
CA ILE B 313 0.80 -12.80 -10.77
C ILE B 313 1.74 -12.61 -11.95
N ALA B 314 2.57 -11.57 -11.89
CA ALA B 314 3.53 -11.31 -12.94
C ALA B 314 4.43 -12.52 -13.18
N GLU B 315 4.76 -13.24 -12.12
CA GLU B 315 5.66 -14.37 -12.24
C GLU B 315 5.01 -15.61 -12.87
N ILE B 316 3.72 -15.85 -12.58
CA ILE B 316 2.96 -16.87 -13.31
C ILE B 316 2.95 -16.50 -14.80
N ALA B 317 2.64 -15.27 -15.15
CA ALA B 317 2.63 -14.88 -16.56
C ALA B 317 4.00 -15.10 -17.25
N ALA B 318 5.09 -14.73 -16.57
CA ALA B 318 6.43 -14.88 -17.17
C ALA B 318 6.81 -16.33 -17.36
N VAL B 319 6.52 -17.17 -16.35
CA VAL B 319 6.72 -18.62 -16.49
C VAL B 319 5.86 -19.21 -17.62
N LYS B 320 4.68 -18.64 -17.86
CA LYS B 320 3.88 -19.15 -18.96
C LYS B 320 4.36 -18.77 -20.38
N SER B 321 4.77 -17.52 -20.63
CA SER B 321 5.35 -17.16 -21.93
C SER B 321 6.63 -17.92 -22.17
N VAL B 322 7.47 -18.05 -21.16
CA VAL B 322 8.74 -18.76 -21.35
C VAL B 322 8.51 -20.24 -21.62
N PHE B 323 7.74 -20.87 -20.75
CA PHE B 323 7.65 -22.33 -20.77
C PHE B 323 6.52 -22.98 -21.59
N GLY B 324 5.54 -22.21 -22.04
CA GLY B 324 4.45 -22.78 -22.86
C GLY B 324 3.79 -23.97 -22.16
N GLU B 325 3.55 -25.05 -22.89
CA GLU B 325 2.84 -26.19 -22.31
C GLU B 325 3.61 -26.81 -21.15
N HIS B 326 4.94 -26.83 -21.30
CA HIS B 326 5.85 -27.35 -20.27
C HIS B 326 5.73 -26.60 -18.95
N ALA B 327 5.17 -25.41 -18.93
CA ALA B 327 4.80 -24.79 -17.66
C ALA B 327 3.92 -25.68 -16.80
N HIS B 328 3.23 -26.67 -17.39
CA HIS B 328 2.36 -27.57 -16.61
C HIS B 328 3.05 -28.85 -16.13
N ALA B 329 4.27 -29.08 -16.56
CA ALA B 329 4.96 -30.29 -16.15
C ALA B 329 5.99 -30.01 -15.09
N LEU B 330 6.56 -28.80 -15.10
CA LEU B 330 7.50 -28.39 -14.09
C LEU B 330 6.79 -28.11 -12.75
N SER B 331 7.59 -27.89 -11.71
CA SER B 331 7.11 -27.63 -10.38
C SER B 331 7.74 -26.34 -10.02
N MET B 332 6.94 -25.38 -9.58
CA MET B 332 7.41 -24.09 -9.07
C MET B 332 6.89 -23.85 -7.63
N SER B 333 7.75 -23.37 -6.76
CA SER B 333 7.33 -23.09 -5.41
C SER B 333 8.02 -21.87 -4.89
N SER B 334 7.42 -21.30 -3.86
CA SER B 334 8.02 -20.20 -3.15
C SER B 334 8.23 -20.57 -1.70
N THR B 335 9.50 -20.74 -1.37
CA THR B 335 9.92 -20.99 -0.04
C THR B 335 9.76 -19.78 0.85
N LYS B 336 9.45 -18.63 0.28
CA LYS B 336 9.10 -17.48 1.11
C LYS B 336 7.83 -17.70 1.90
N SER B 337 7.04 -18.66 1.44
CA SER B 337 5.86 -19.06 2.18
C SER B 337 6.23 -19.44 3.59
N MET B 338 7.44 -19.98 3.74
CA MET B 338 7.97 -20.45 5.06
C MET B 338 8.96 -19.48 5.67
N THR B 339 9.85 -18.94 4.86
CA THR B 339 10.94 -18.12 5.35
C THR B 339 10.63 -16.65 5.41
N GLY B 340 9.55 -16.21 4.79
CA GLY B 340 9.46 -14.83 4.42
C GLY B 340 10.54 -14.36 3.49
N HIS B 341 10.64 -13.03 3.38
CA HIS B 341 11.45 -12.35 2.36
C HIS B 341 12.68 -11.77 3.02
N LEU B 342 13.82 -12.41 2.79
CA LEU B 342 15.11 -11.95 3.36
C LEU B 342 15.83 -10.83 2.51
N LEU B 343 15.08 -10.10 1.70
CA LEU B 343 15.61 -9.08 0.79
C LEU B 343 16.92 -9.45 0.07
N GLY B 344 18.04 -8.85 0.46
CA GLY B 344 19.30 -9.11 -0.21
C GLY B 344 19.75 -10.57 -0.12
N ALA B 345 19.26 -11.29 0.90
CA ALA B 345 19.71 -12.65 1.19
C ALA B 345 18.77 -13.65 0.60
N ALA B 346 17.63 -13.20 0.09
CA ALA B 346 16.59 -14.12 -0.36
C ALA B 346 17.12 -14.98 -1.48
N GLY B 347 17.78 -14.36 -2.46
CA GLY B 347 18.35 -15.11 -3.58
C GLY B 347 19.45 -16.07 -3.13
N ALA B 348 20.14 -15.73 -2.04
CA ALA B 348 21.26 -16.56 -1.55
C ALA B 348 20.71 -17.81 -0.92
N VAL B 349 19.74 -17.66 -0.04
CA VAL B 349 19.19 -18.80 0.66
C VAL B 349 18.35 -19.60 -0.28
N GLU B 350 17.75 -18.94 -1.26
CA GLU B 350 16.93 -19.65 -2.21
C GLU B 350 17.77 -20.40 -3.26
N ALA B 351 18.98 -19.92 -3.55
CA ALA B 351 19.92 -20.70 -4.39
C ALA B 351 20.29 -22.03 -3.69
N ILE B 352 20.57 -21.92 -2.41
CA ILE B 352 20.93 -23.09 -1.62
C ILE B 352 19.79 -24.11 -1.62
N PHE B 353 18.56 -23.63 -1.41
CA PHE B 353 17.38 -24.49 -1.46
C PHE B 353 17.19 -25.15 -2.81
N SER B 354 17.54 -24.45 -3.89
CA SER B 354 17.41 -25.04 -5.22
C SER B 354 18.47 -26.11 -5.44
N VAL B 355 19.67 -25.87 -4.89
CA VAL B 355 20.77 -26.86 -4.94
C VAL B 355 20.38 -28.12 -4.10
N LEU B 356 19.80 -27.89 -2.92
CA LEU B 356 19.34 -28.98 -2.11
C LEU B 356 18.14 -29.70 -2.72
N ALA B 357 17.29 -28.99 -3.46
CA ALA B 357 16.23 -29.67 -4.21
C ALA B 357 16.81 -30.69 -5.19
N LEU B 358 17.90 -30.32 -5.83
CA LEU B 358 18.57 -31.19 -6.76
C LEU B 358 19.19 -32.35 -6.01
N ARG B 359 19.87 -32.09 -4.88
CA ARG B 359 20.52 -33.17 -4.12
C ARG B 359 19.51 -34.24 -3.68
N ASP B 360 18.38 -33.80 -3.14
CA ASP B 360 17.43 -34.68 -2.49
C ASP B 360 16.28 -35.06 -3.43
N GLN B 361 16.29 -34.56 -4.66
CA GLN B 361 15.21 -34.85 -5.60
C GLN B 361 13.84 -34.63 -4.99
N VAL B 362 13.55 -33.39 -4.62
CA VAL B 362 12.31 -33.02 -3.99
C VAL B 362 12.05 -31.52 -4.12
N ALA B 363 10.81 -31.22 -4.50
CA ALA B 363 10.31 -29.89 -4.65
C ALA B 363 9.72 -29.37 -3.32
N PRO B 364 10.31 -28.32 -2.75
CA PRO B 364 9.74 -27.93 -1.47
C PRO B 364 8.40 -27.21 -1.66
N PRO B 365 7.57 -27.16 -0.60
CA PRO B 365 6.20 -26.69 -0.86
C PRO B 365 6.09 -25.20 -0.88
N THR B 366 5.04 -24.70 -1.51
CA THR B 366 4.47 -23.40 -1.20
C THR B 366 3.37 -23.67 -0.15
N ILE B 367 3.70 -23.40 1.11
CA ILE B 367 2.68 -23.52 2.16
C ILE B 367 1.74 -22.34 2.04
N ASN B 368 0.63 -22.44 2.77
CA ASN B 368 -0.48 -21.47 2.83
C ASN B 368 -1.28 -21.28 1.54
N LEU B 369 -1.05 -22.11 0.53
CA LEU B 369 -1.71 -21.94 -0.76
C LEU B 369 -3.09 -22.61 -0.74
N ASP B 370 -3.99 -21.98 -0.01
CA ASP B 370 -5.27 -22.56 0.29
C ASP B 370 -6.24 -22.36 -0.88
N ASN B 371 -6.21 -21.19 -1.52
CA ASN B 371 -7.06 -20.85 -2.64
C ASN B 371 -6.27 -20.11 -3.71
N PRO B 372 -5.65 -20.85 -4.65
CA PRO B 372 -4.91 -20.17 -5.71
C PRO B 372 -5.73 -19.08 -6.42
N ASP B 373 -5.08 -17.97 -6.71
CA ASP B 373 -5.76 -16.83 -7.26
C ASP B 373 -6.05 -17.10 -8.74
N GLU B 374 -6.88 -16.25 -9.35
CA GLU B 374 -7.26 -16.34 -10.77
C GLU B 374 -6.04 -16.60 -11.65
N GLY B 375 -6.07 -17.66 -12.43
CA GLY B 375 -4.90 -17.98 -13.25
C GLY B 375 -3.69 -18.66 -12.62
N CYS B 376 -3.70 -18.92 -11.32
CA CYS B 376 -2.53 -19.58 -10.72
C CYS B 376 -2.75 -21.09 -10.67
N ASP B 377 -2.69 -21.72 -11.85
CA ASP B 377 -3.05 -23.15 -11.98
C ASP B 377 -1.90 -24.05 -12.35
N LEU B 378 -0.69 -23.58 -12.12
CA LEU B 378 0.51 -24.38 -12.29
C LEU B 378 0.63 -25.31 -11.12
N ASP B 379 1.53 -26.29 -11.23
CA ASP B 379 1.95 -27.09 -10.07
C ASP B 379 2.81 -26.20 -9.17
N LEU B 380 2.18 -25.61 -8.15
CA LEU B 380 2.88 -24.72 -7.23
C LEU B 380 3.25 -25.40 -5.91
N VAL B 381 3.24 -26.73 -5.92
CA VAL B 381 3.64 -27.57 -4.79
C VAL B 381 2.93 -27.13 -3.50
N ALA B 382 1.63 -26.87 -3.65
CA ALA B 382 0.85 -26.40 -2.50
C ALA B 382 0.97 -27.37 -1.31
N HIS B 383 1.28 -26.81 -0.15
CA HIS B 383 1.13 -27.46 1.16
C HIS B 383 2.24 -28.40 1.56
N GLU B 384 2.72 -29.24 0.64
CA GLU B 384 3.68 -30.24 1.08
C GLU B 384 4.66 -30.59 -0.02
N ALA B 385 5.85 -30.93 0.41
CA ALA B 385 6.90 -31.26 -0.48
C ALA B 385 6.48 -32.44 -1.35
N LYS B 386 6.95 -32.41 -2.60
CA LYS B 386 6.68 -33.39 -3.61
C LYS B 386 8.00 -33.99 -4.15
N PRO B 387 8.39 -35.17 -3.66
CA PRO B 387 9.43 -35.90 -4.35
C PRO B 387 9.11 -36.02 -5.85
N ARG B 388 10.12 -35.82 -6.69
CA ARG B 388 9.97 -35.89 -8.16
C ARG B 388 11.35 -35.86 -8.80
N LYS B 389 11.43 -36.06 -10.11
CA LYS B 389 12.75 -35.98 -10.74
C LYS B 389 13.11 -34.53 -11.05
N ILE B 390 14.31 -34.13 -10.61
CA ILE B 390 14.84 -32.78 -10.87
C ILE B 390 16.30 -32.81 -11.34
N ASP B 391 16.46 -32.55 -12.62
CA ASP B 391 17.76 -32.46 -13.26
C ASP B 391 18.19 -30.99 -13.24
N VAL B 392 17.24 -30.10 -13.52
CA VAL B 392 17.51 -28.66 -13.64
C VAL B 392 16.56 -27.88 -12.76
N ALA B 393 17.15 -26.98 -11.99
CA ALA B 393 16.44 -26.07 -11.10
C ALA B 393 16.83 -24.61 -11.39
N LEU B 394 15.80 -23.77 -11.55
CA LEU B 394 15.97 -22.31 -11.66
C LEU B 394 15.65 -21.62 -10.37
N SER B 395 16.32 -20.51 -10.10
CA SER B 395 15.97 -19.66 -9.00
C SER B 395 15.87 -18.23 -9.47
N ASN B 396 14.70 -17.62 -9.33
CA ASN B 396 14.45 -16.25 -9.73
C ASN B 396 14.47 -15.24 -8.61
N SER B 397 14.93 -14.03 -8.90
CA SER B 397 14.79 -12.93 -7.94
C SER B 397 14.50 -11.70 -8.73
N PHE B 398 13.49 -10.95 -8.30
CA PHE B 398 13.09 -9.69 -8.92
C PHE B 398 13.10 -8.58 -7.84
N GLY B 399 13.45 -7.37 -8.22
CA GLY B 399 13.65 -6.35 -7.19
C GLY B 399 13.26 -4.96 -7.59
N PHE B 400 13.24 -4.08 -6.60
CA PHE B 400 12.92 -2.68 -6.82
C PHE B 400 13.79 -2.14 -7.93
N GLY B 401 13.21 -1.24 -8.73
CA GLY B 401 13.87 -0.70 -9.92
C GLY B 401 13.71 -1.64 -11.09
N GLY B 402 12.94 -2.70 -10.91
CA GLY B 402 12.72 -3.71 -11.95
C GLY B 402 13.98 -4.47 -12.33
N THR B 403 14.80 -4.77 -11.34
CA THR B 403 16.02 -5.53 -11.57
C THR B 403 15.84 -7.06 -11.33
N ASN B 404 16.10 -7.83 -12.38
CA ASN B 404 15.87 -9.27 -12.39
C ASN B 404 17.11 -10.13 -12.57
N GLY B 405 17.07 -11.29 -11.95
CA GLY B 405 18.19 -12.18 -11.93
C GLY B 405 17.68 -13.58 -11.85
N THR B 406 18.29 -14.47 -12.62
CA THR B 406 17.93 -15.84 -12.58
C THR B 406 19.17 -16.73 -12.60
N LEU B 407 19.17 -17.76 -11.75
CA LEU B 407 20.22 -18.76 -11.71
C LEU B 407 19.71 -20.11 -12.18
N VAL B 408 20.55 -20.85 -12.88
CA VAL B 408 20.19 -22.16 -13.33
C VAL B 408 21.20 -23.16 -12.78
N PHE B 409 20.68 -24.11 -11.98
CA PHE B 409 21.51 -25.16 -11.44
C PHE B 409 21.15 -26.51 -12.07
N ARG B 410 22.15 -27.38 -12.14
CA ARG B 410 22.00 -28.67 -12.73
C ARG B 410 22.64 -29.74 -11.86
N ARG B 411 22.16 -30.97 -12.02
CA ARG B 411 22.74 -32.10 -11.30
C ARG B 411 24.15 -32.35 -11.82
N PHE B 412 25.13 -32.60 -10.98
CA PHE B 412 26.44 -32.84 -11.54
C PHE B 412 26.81 -34.33 -11.65
N ALA B 413 27.31 -34.74 -12.83
CA ALA B 413 28.08 -36.03 -12.95
C ALA B 413 29.17 -36.06 -14.07
K K C . -22.02 17.54 -4.93
K K D . 14.09 -17.64 -5.91
#